data_2VX9
# 
_entry.id   2VX9 
# 
_audit_conform.dict_name       mmcif_pdbx.dic 
_audit_conform.dict_version    5.382 
_audit_conform.dict_location   http://mmcif.pdb.org/dictionaries/ascii/mmcif_pdbx.dic 
# 
loop_
_database_2.database_id 
_database_2.database_code 
_database_2.pdbx_database_accession 
_database_2.pdbx_DOI 
PDB   2VX9         pdb_00002vx9 10.2210/pdb2vx9/pdb 
PDBE  EBI-36651    ?            ?                   
WWPDB D_1290036651 ?            ?                   
# 
_pdbx_database_status.status_code                     REL 
_pdbx_database_status.entry_id                        2VX9 
_pdbx_database_status.deposit_site                    PDBE 
_pdbx_database_status.process_site                    PDBE 
_pdbx_database_status.SG_entry                        . 
_pdbx_database_status.recvd_initial_deposition_date   2008-07-01 
_pdbx_database_status.pdb_format_compatible           Y 
_pdbx_database_status.status_code_sf                  REL 
_pdbx_database_status.status_code_mr                  ? 
_pdbx_database_status.status_code_cs                  ? 
_pdbx_database_status.methods_development_category    ? 
_pdbx_database_status.status_code_nmr_data            ? 
# 
loop_
_audit_author.name 
_audit_author.pdbx_ordinal 
'Grininger, M.'  1 
'Staudt, H.'     2 
'Johansson, P.'  3 
'Wachtveitl, J.' 4 
'Oesterhelt, D.' 5 
# 
_citation.id                        primary 
_citation.title                     'Dodecin is the Key Player in Flavin Homeostasis of Archaea.' 
_citation.journal_abbrev            J.Biol.Chem. 
_citation.journal_volume            284 
_citation.page_first                13068 
_citation.page_last                 ? 
_citation.year                      2009 
_citation.journal_id_ASTM           JBCHA3 
_citation.country                   US 
_citation.journal_id_ISSN           0021-9258 
_citation.journal_id_CSD            0071 
_citation.book_publisher            ? 
_citation.pdbx_database_id_PubMed   19224924 
_citation.pdbx_database_id_DOI      10.1074/JBC.M808063200 
# 
loop_
_citation_author.citation_id 
_citation_author.name 
_citation_author.ordinal 
_citation_author.identifier_ORCID 
primary 'Grininger, M.'  1 ? 
primary 'Staudt, H.'     2 ? 
primary 'Johansson, P.'  3 ? 
primary 'Wachtveitl, J.' 4 ? 
primary 'Oesterhelt, D.' 5 ? 
# 
_cell.entry_id           2VX9 
_cell.length_a           142.940 
_cell.length_b           142.940 
_cell.length_c           142.940 
_cell.angle_alpha        90.00 
_cell.angle_beta         90.00 
_cell.angle_gamma        90.00 
_cell.Z_PDB              96 
_cell.pdbx_unique_axis   ? 
# 
_symmetry.entry_id                         2VX9 
_symmetry.space_group_name_H-M             'F 41 3 2' 
_symmetry.pdbx_full_space_group_name_H-M   ? 
_symmetry.cell_setting                     ? 
_symmetry.Int_Tables_number                210 
# 
loop_
_entity.id 
_entity.type 
_entity.src_method 
_entity.pdbx_description 
_entity.formula_weight 
_entity.pdbx_number_of_molecules 
_entity.pdbx_ec 
_entity.pdbx_mutation 
_entity.pdbx_fragment 
_entity.details 
1 polymer     man DODECIN        7111.765 1  ? YES 'RESIDUES 1-65' ? 
2 non-polymer syn RIBOFLAVIN     376.364  1  ? ?   ?               ? 
3 non-polymer syn 'SODIUM ION'   22.990   4  ? ?   ?               ? 
4 non-polymer syn 'CHLORIDE ION' 35.453   3  ? ?   ?               ? 
5 water       nat water          18.015   71 ? ?   ?               ? 
# 
_entity_poly.entity_id                      1 
_entity_poly.type                           'polypeptide(L)' 
_entity_poly.nstd_linkage                   no 
_entity_poly.nstd_monomer                   no 
_entity_poly.pdbx_seq_one_letter_code       MVFKKVLLTGTSEESFTAAADDAIDRAEDTLDNVVWAEVVDQGVAIGAVEERTYQTEVQVAFELD 
_entity_poly.pdbx_seq_one_letter_code_can   MVFKKVLLTGTSEESFTAAADDAIDRAEDTLDNVVWAEVVDQGVAIGAVEERTYQTEVQVAFELD 
_entity_poly.pdbx_strand_id                 A 
_entity_poly.pdbx_target_identifier         ? 
# 
loop_
_entity_poly_seq.entity_id 
_entity_poly_seq.num 
_entity_poly_seq.mon_id 
_entity_poly_seq.hetero 
1 1  MET n 
1 2  VAL n 
1 3  PHE n 
1 4  LYS n 
1 5  LYS n 
1 6  VAL n 
1 7  LEU n 
1 8  LEU n 
1 9  THR n 
1 10 GLY n 
1 11 THR n 
1 12 SER n 
1 13 GLU n 
1 14 GLU n 
1 15 SER n 
1 16 PHE n 
1 17 THR n 
1 18 ALA n 
1 19 ALA n 
1 20 ALA n 
1 21 ASP n 
1 22 ASP n 
1 23 ALA n 
1 24 ILE n 
1 25 ASP n 
1 26 ARG n 
1 27 ALA n 
1 28 GLU n 
1 29 ASP n 
1 30 THR n 
1 31 LEU n 
1 32 ASP n 
1 33 ASN n 
1 34 VAL n 
1 35 VAL n 
1 36 TRP n 
1 37 ALA n 
1 38 GLU n 
1 39 VAL n 
1 40 VAL n 
1 41 ASP n 
1 42 GLN n 
1 43 GLY n 
1 44 VAL n 
1 45 ALA n 
1 46 ILE n 
1 47 GLY n 
1 48 ALA n 
1 49 VAL n 
1 50 GLU n 
1 51 GLU n 
1 52 ARG n 
1 53 THR n 
1 54 TYR n 
1 55 GLN n 
1 56 THR n 
1 57 GLU n 
1 58 VAL n 
1 59 GLN n 
1 60 VAL n 
1 61 ALA n 
1 62 PHE n 
1 63 GLU n 
1 64 LEU n 
1 65 ASP n 
# 
_entity_src_gen.entity_id                          1 
_entity_src_gen.pdbx_src_id                        1 
_entity_src_gen.pdbx_alt_source_flag               sample 
_entity_src_gen.pdbx_seq_type                      ? 
_entity_src_gen.pdbx_beg_seq_num                   ? 
_entity_src_gen.pdbx_end_seq_num                   ? 
_entity_src_gen.gene_src_common_name               ? 
_entity_src_gen.gene_src_genus                     ? 
_entity_src_gen.pdbx_gene_src_gene                 ? 
_entity_src_gen.gene_src_species                   ? 
_entity_src_gen.gene_src_strain                    ? 
_entity_src_gen.gene_src_tissue                    ? 
_entity_src_gen.gene_src_tissue_fraction           ? 
_entity_src_gen.gene_src_details                   ? 
_entity_src_gen.pdbx_gene_src_fragment             ? 
_entity_src_gen.pdbx_gene_src_scientific_name      'HALOBACTERIUM SALINARUM R1' 
_entity_src_gen.pdbx_gene_src_ncbi_taxonomy_id     478009 
_entity_src_gen.pdbx_gene_src_variant              ? 
_entity_src_gen.pdbx_gene_src_cell_line            ? 
_entity_src_gen.pdbx_gene_src_atcc                 ? 
_entity_src_gen.pdbx_gene_src_organ                ? 
_entity_src_gen.pdbx_gene_src_organelle            ? 
_entity_src_gen.pdbx_gene_src_cell                 ? 
_entity_src_gen.pdbx_gene_src_cellular_location    ? 
_entity_src_gen.host_org_common_name               ? 
_entity_src_gen.pdbx_host_org_scientific_name      'ESCHERICHIA COLI' 
_entity_src_gen.pdbx_host_org_ncbi_taxonomy_id     469008 
_entity_src_gen.host_org_genus                     ? 
_entity_src_gen.pdbx_host_org_gene                 ? 
_entity_src_gen.pdbx_host_org_organ                ? 
_entity_src_gen.host_org_species                   ? 
_entity_src_gen.pdbx_host_org_tissue               ? 
_entity_src_gen.pdbx_host_org_tissue_fraction      ? 
_entity_src_gen.pdbx_host_org_strain               'BL21(DE3)' 
_entity_src_gen.pdbx_host_org_variant              ? 
_entity_src_gen.pdbx_host_org_cell_line            ? 
_entity_src_gen.pdbx_host_org_atcc                 ? 
_entity_src_gen.pdbx_host_org_culture_collection   ? 
_entity_src_gen.pdbx_host_org_cell                 ? 
_entity_src_gen.pdbx_host_org_organelle            ? 
_entity_src_gen.pdbx_host_org_cellular_location    ? 
_entity_src_gen.pdbx_host_org_vector_type          PLASMID 
_entity_src_gen.pdbx_host_org_vector               ? 
_entity_src_gen.host_org_details                   ? 
_entity_src_gen.expression_system_id               ? 
_entity_src_gen.plasmid_name                       PET22B 
_entity_src_gen.plasmid_details                    ? 
_entity_src_gen.pdbx_description                   'GERMAN COLLECTION OF MICROORGANISMS (DSM 671)' 
# 
_struct_ref.id                         1 
_struct_ref.db_name                    UNP 
_struct_ref.db_code                    B0R5M0_HALS3 
_struct_ref.entity_id                  1 
_struct_ref.pdbx_seq_one_letter_code   ? 
_struct_ref.pdbx_align_begin           ? 
_struct_ref.pdbx_db_accession          B0R5M0 
_struct_ref.pdbx_db_isoform            ? 
# 
_struct_ref_seq.align_id                      1 
_struct_ref_seq.ref_id                        1 
_struct_ref_seq.pdbx_PDB_id_code              2VX9 
_struct_ref_seq.pdbx_strand_id                A 
_struct_ref_seq.seq_align_beg                 1 
_struct_ref_seq.pdbx_seq_align_beg_ins_code   ? 
_struct_ref_seq.seq_align_end                 65 
_struct_ref_seq.pdbx_seq_align_end_ins_code   ? 
_struct_ref_seq.pdbx_db_accession             B0R5M0 
_struct_ref_seq.db_align_beg                  1 
_struct_ref_seq.pdbx_db_align_beg_ins_code    ? 
_struct_ref_seq.db_align_end                  65 
_struct_ref_seq.pdbx_db_align_end_ins_code    ? 
_struct_ref_seq.pdbx_auth_seq_align_beg       1 
_struct_ref_seq.pdbx_auth_seq_align_end       65 
# 
_struct_ref_seq_dif.align_id                     1 
_struct_ref_seq_dif.pdbx_pdb_id_code             2VX9 
_struct_ref_seq_dif.mon_id                       ALA 
_struct_ref_seq_dif.pdbx_pdb_strand_id           A 
_struct_ref_seq_dif.seq_num                      45 
_struct_ref_seq_dif.pdbx_pdb_ins_code            ? 
_struct_ref_seq_dif.pdbx_seq_db_name             UNP 
_struct_ref_seq_dif.pdbx_seq_db_accession_code   B0R5M0 
_struct_ref_seq_dif.db_mon_id                    GLU 
_struct_ref_seq_dif.pdbx_seq_db_seq_num          45 
_struct_ref_seq_dif.details                      'engineered mutation' 
_struct_ref_seq_dif.pdbx_auth_seq_num            45 
_struct_ref_seq_dif.pdbx_ordinal                 1 
# 
loop_
_chem_comp.id 
_chem_comp.type 
_chem_comp.mon_nstd_flag 
_chem_comp.name 
_chem_comp.pdbx_synonyms 
_chem_comp.formula 
_chem_comp.formula_weight 
ALA 'L-peptide linking' y ALANINE         ?                         'C3 H7 N O2'     89.093  
ARG 'L-peptide linking' y ARGININE        ?                         'C6 H15 N4 O2 1' 175.209 
ASN 'L-peptide linking' y ASPARAGINE      ?                         'C4 H8 N2 O3'    132.118 
ASP 'L-peptide linking' y 'ASPARTIC ACID' ?                         'C4 H7 N O4'     133.103 
CL  non-polymer         . 'CHLORIDE ION'  ?                         'Cl -1'          35.453  
GLN 'L-peptide linking' y GLUTAMINE       ?                         'C5 H10 N2 O3'   146.144 
GLU 'L-peptide linking' y 'GLUTAMIC ACID' ?                         'C5 H9 N O4'     147.129 
GLY 'peptide linking'   y GLYCINE         ?                         'C2 H5 N O2'     75.067  
HOH non-polymer         . WATER           ?                         'H2 O'           18.015  
ILE 'L-peptide linking' y ISOLEUCINE      ?                         'C6 H13 N O2'    131.173 
LEU 'L-peptide linking' y LEUCINE         ?                         'C6 H13 N O2'    131.173 
LYS 'L-peptide linking' y LYSINE          ?                         'C6 H15 N2 O2 1' 147.195 
MET 'L-peptide linking' y METHIONINE      ?                         'C5 H11 N O2 S'  149.211 
NA  non-polymer         . 'SODIUM ION'    ?                         'Na 1'           22.990  
PHE 'L-peptide linking' y PHENYLALANINE   ?                         'C9 H11 N O2'    165.189 
RBF non-polymer         . RIBOFLAVIN      'RIBOFLAVINE; VITAMIN B2' 'C17 H20 N4 O6'  376.364 
SER 'L-peptide linking' y SERINE          ?                         'C3 H7 N O3'     105.093 
THR 'L-peptide linking' y THREONINE       ?                         'C4 H9 N O3'     119.119 
TRP 'L-peptide linking' y TRYPTOPHAN      ?                         'C11 H12 N2 O2'  204.225 
TYR 'L-peptide linking' y TYROSINE        ?                         'C9 H11 N O3'    181.189 
VAL 'L-peptide linking' y VALINE          ?                         'C5 H11 N O2'    117.146 
# 
_exptl.entry_id          2VX9 
_exptl.method            'X-RAY DIFFRACTION' 
_exptl.crystals_number   1 
# 
_exptl_crystal.id                    1 
_exptl_crystal.density_meas          ? 
_exptl_crystal.density_Matthews      4 
_exptl_crystal.density_percent_sol   69 
_exptl_crystal.description           NONE 
# 
_exptl_crystal_grow.crystal_id      1 
_exptl_crystal_grow.method          ? 
_exptl_crystal_grow.temp            ? 
_exptl_crystal_grow.temp_details    ? 
_exptl_crystal_grow.pH              7.5 
_exptl_crystal_grow.pdbx_pH_range   ? 
_exptl_crystal_grow.pdbx_details    '0.2 M MGCL2, 2.0 M NACL, 0.1 M NA, HEPES PH 7.5 AND 30% PEG400' 
# 
_diffrn.id                     1 
_diffrn.ambient_temp           100 
_diffrn.ambient_temp_details   ? 
_diffrn.crystal_id             1 
# 
_diffrn_detector.diffrn_id              1 
_diffrn_detector.detector               CCD 
_diffrn_detector.type                   'ADSC CCD' 
_diffrn_detector.pdbx_collection_date   2005-10-14 
_diffrn_detector.details                MIRRORS 
# 
_diffrn_radiation.diffrn_id                        1 
_diffrn_radiation.wavelength_id                    1 
_diffrn_radiation.pdbx_monochromatic_or_laue_m_l   M 
_diffrn_radiation.monochromator                    ? 
_diffrn_radiation.pdbx_diffrn_protocol             'SINGLE WAVELENGTH' 
_diffrn_radiation.pdbx_scattering_type             x-ray 
# 
_diffrn_radiation_wavelength.id           1 
_diffrn_radiation_wavelength.wavelength   0.933 
_diffrn_radiation_wavelength.wt           1.0 
# 
_diffrn_source.diffrn_id                   1 
_diffrn_source.source                      SYNCHROTRON 
_diffrn_source.type                        'ESRF BEAMLINE ID14-2' 
_diffrn_source.pdbx_synchrotron_site       ESRF 
_diffrn_source.pdbx_synchrotron_beamline   ID14-2 
_diffrn_source.pdbx_wavelength             0.933 
_diffrn_source.pdbx_wavelength_list        ? 
# 
_reflns.pdbx_diffrn_id               1 
_reflns.pdbx_ordinal                 1 
_reflns.entry_id                     2VX9 
_reflns.observed_criterion_sigma_I   3.5 
_reflns.observed_criterion_sigma_F   ? 
_reflns.d_resolution_low             20.00 
_reflns.d_resolution_high            1.65 
_reflns.number_obs                   15586 
_reflns.number_all                   ? 
_reflns.percent_possible_obs         98.0 
_reflns.pdbx_Rmerge_I_obs            0.08 
_reflns.pdbx_Rsym_value              ? 
_reflns.pdbx_netI_over_sigmaI        19.10 
_reflns.B_iso_Wilson_estimate        ? 
_reflns.pdbx_redundancy              10.4 
# 
_reflns_shell.pdbx_diffrn_id         1 
_reflns_shell.pdbx_ordinal           1 
_reflns_shell.d_res_high             1.65 
_reflns_shell.d_res_low              1.75 
_reflns_shell.percent_possible_all   95.8 
_reflns_shell.Rmerge_I_obs           0.70 
_reflns_shell.pdbx_Rsym_value        ? 
_reflns_shell.meanI_over_sigI_obs    3.50 
_reflns_shell.pdbx_redundancy        10.4 
# 
_refine.pdbx_refine_id                           'X-RAY DIFFRACTION' 
_refine.entry_id                                 2VX9 
_refine.pdbx_diffrn_id                           1 
_refine.pdbx_TLS_residual_ADP_flag               ? 
_refine.ls_number_reflns_obs                     14796 
_refine.ls_number_reflns_all                     ? 
_refine.pdbx_ls_sigma_I                          ? 
_refine.pdbx_ls_sigma_F                          ? 
_refine.pdbx_data_cutoff_high_absF               ? 
_refine.pdbx_data_cutoff_low_absF                ? 
_refine.pdbx_data_cutoff_high_rms_absF           ? 
_refine.ls_d_res_low                             19.10 
_refine.ls_d_res_high                            1.65 
_refine.ls_percent_reflns_obs                    100.0 
_refine.ls_R_factor_obs                          0.186 
_refine.ls_R_factor_all                          ? 
_refine.ls_R_factor_R_work                       0.185 
_refine.ls_R_factor_R_free                       0.204 
_refine.ls_R_factor_R_free_error                 ? 
_refine.ls_R_factor_R_free_error_details         ? 
_refine.ls_percent_reflns_R_free                 5.100 
_refine.ls_number_reflns_R_free                  788 
_refine.ls_number_parameters                     ? 
_refine.ls_number_restraints                     ? 
_refine.occupancy_min                            ? 
_refine.occupancy_max                            ? 
_refine.correlation_coeff_Fo_to_Fc               0.960 
_refine.correlation_coeff_Fo_to_Fc_free          0.950 
_refine.B_iso_mean                               22.13 
_refine.aniso_B[1][1]                            ? 
_refine.aniso_B[2][2]                            ? 
_refine.aniso_B[3][3]                            ? 
_refine.aniso_B[1][2]                            ? 
_refine.aniso_B[1][3]                            ? 
_refine.aniso_B[2][3]                            ? 
_refine.solvent_model_details                    MASK 
_refine.solvent_model_param_ksol                 ? 
_refine.solvent_model_param_bsol                 ? 
_refine.pdbx_solvent_vdw_probe_radii             1.20 
_refine.pdbx_solvent_ion_probe_radii             0.80 
_refine.pdbx_solvent_shrinkage_radii             0.80 
_refine.pdbx_ls_cross_valid_method               THROUGHOUT 
_refine.details                                  'HYDROGENS HAVE BEEN ADDED IN THE RIDING POSITIONS. U VALUES REFINED INDIVIDUALLY' 
_refine.pdbx_starting_model                      'PDB ENTRY 2CCB' 
_refine.pdbx_method_to_determine_struct          'MOLECULAR REPLACEMENT' 
_refine.pdbx_isotropic_thermal_model             ? 
_refine.pdbx_stereochemistry_target_values       'MAXIMUM LIKELIHOOD' 
_refine.pdbx_stereochem_target_val_spec_case     ? 
_refine.pdbx_R_Free_selection_details            RANDOM 
_refine.pdbx_overall_ESU_R                       0.068 
_refine.pdbx_overall_ESU_R_Free                  0.068 
_refine.overall_SU_ML                            0.040 
_refine.pdbx_overall_phase_error                 ? 
_refine.overall_SU_B                             1.168 
_refine.overall_SU_R_Cruickshank_DPI             ? 
_refine.pdbx_overall_SU_R_free_Cruickshank_DPI   ? 
_refine.pdbx_overall_SU_R_Blow_DPI               ? 
_refine.pdbx_overall_SU_R_free_Blow_DPI          ? 
# 
_refine_hist.pdbx_refine_id                   'X-RAY DIFFRACTION' 
_refine_hist.cycle_id                         LAST 
_refine_hist.pdbx_number_atoms_protein        483 
_refine_hist.pdbx_number_atoms_nucleic_acid   0 
_refine_hist.pdbx_number_atoms_ligand         34 
_refine_hist.number_atoms_solvent             71 
_refine_hist.number_atoms_total               588 
_refine_hist.d_res_high                       1.65 
_refine_hist.d_res_low                        19.10 
# 
loop_
_refine_ls_restr.type 
_refine_ls_restr.dev_ideal 
_refine_ls_restr.dev_ideal_target 
_refine_ls_restr.weight 
_refine_ls_restr.number 
_refine_ls_restr.pdbx_refine_id 
_refine_ls_restr.pdbx_restraint_function 
r_bond_refined_d             0.016  0.022  ? 517 'X-RAY DIFFRACTION' ? 
r_bond_other_d               ?      ?      ? ?   'X-RAY DIFFRACTION' ? 
r_angle_refined_deg          1.461  2.000  ? 708 'X-RAY DIFFRACTION' ? 
r_angle_other_deg            ?      ?      ? ?   'X-RAY DIFFRACTION' ? 
r_dihedral_angle_1_deg       6.083  5.000  ? 62  'X-RAY DIFFRACTION' ? 
r_dihedral_angle_2_deg       32.341 26.400 ? 25  'X-RAY DIFFRACTION' ? 
r_dihedral_angle_3_deg       12.491 15.000 ? 78  'X-RAY DIFFRACTION' ? 
r_dihedral_angle_4_deg       7.884  15.000 ? 2   'X-RAY DIFFRACTION' ? 
r_chiral_restr               0.138  0.200  ? 85  'X-RAY DIFFRACTION' ? 
r_gen_planes_refined         0.008  0.020  ? 388 'X-RAY DIFFRACTION' ? 
r_gen_planes_other           ?      ?      ? ?   'X-RAY DIFFRACTION' ? 
r_nbd_refined                ?      ?      ? ?   'X-RAY DIFFRACTION' ? 
r_nbd_other                  ?      ?      ? ?   'X-RAY DIFFRACTION' ? 
r_nbtor_refined              ?      ?      ? ?   'X-RAY DIFFRACTION' ? 
r_nbtor_other                ?      ?      ? ?   'X-RAY DIFFRACTION' ? 
r_xyhbond_nbd_refined        ?      ?      ? ?   'X-RAY DIFFRACTION' ? 
r_xyhbond_nbd_other          ?      ?      ? ?   'X-RAY DIFFRACTION' ? 
r_metal_ion_refined          ?      ?      ? ?   'X-RAY DIFFRACTION' ? 
r_metal_ion_other            ?      ?      ? ?   'X-RAY DIFFRACTION' ? 
r_symmetry_vdw_refined       ?      ?      ? ?   'X-RAY DIFFRACTION' ? 
r_symmetry_vdw_other         ?      ?      ? ?   'X-RAY DIFFRACTION' ? 
r_symmetry_hbond_refined     ?      ?      ? ?   'X-RAY DIFFRACTION' ? 
r_symmetry_hbond_other       ?      ?      ? ?   'X-RAY DIFFRACTION' ? 
r_symmetry_metal_ion_refined ?      ?      ? ?   'X-RAY DIFFRACTION' ? 
r_symmetry_metal_ion_other   ?      ?      ? ?   'X-RAY DIFFRACTION' ? 
r_mcbond_it                  1.071  1.500  ? 311 'X-RAY DIFFRACTION' ? 
r_mcbond_other               ?      ?      ? ?   'X-RAY DIFFRACTION' ? 
r_mcangle_it                 1.981  2.000  ? 501 'X-RAY DIFFRACTION' ? 
r_mcangle_other              ?      ?      ? ?   'X-RAY DIFFRACTION' ? 
r_scbond_it                  2.975  3.000  ? 206 'X-RAY DIFFRACTION' ? 
r_scbond_other               ?      ?      ? ?   'X-RAY DIFFRACTION' ? 
r_scangle_it                 5.109  4.500  ? 207 'X-RAY DIFFRACTION' ? 
r_scangle_other              ?      ?      ? ?   'X-RAY DIFFRACTION' ? 
r_long_range_B_refined       ?      ?      ? ?   'X-RAY DIFFRACTION' ? 
r_long_range_B_other         ?      ?      ? ?   'X-RAY DIFFRACTION' ? 
r_rigid_bond_restr           ?      ?      ? ?   'X-RAY DIFFRACTION' ? 
r_sphericity_free            ?      ?      ? ?   'X-RAY DIFFRACTION' ? 
r_sphericity_bonded          ?      ?      ? ?   'X-RAY DIFFRACTION' ? 
# 
_refine_ls_shell.pdbx_refine_id                   'X-RAY DIFFRACTION' 
_refine_ls_shell.pdbx_total_number_of_bins_used   20 
_refine_ls_shell.d_res_high                       1.65 
_refine_ls_shell.d_res_low                        1.69 
_refine_ls_shell.number_reflns_R_work             1039 
_refine_ls_shell.R_factor_R_work                  0.3310 
_refine_ls_shell.percent_reflns_obs               100.00 
_refine_ls_shell.R_factor_R_free                  0.3970 
_refine_ls_shell.R_factor_R_free_error            ? 
_refine_ls_shell.percent_reflns_R_free            ? 
_refine_ls_shell.number_reflns_R_free             64 
_refine_ls_shell.number_reflns_all                ? 
_refine_ls_shell.R_factor_all                     ? 
# 
_struct.entry_id                  2VX9 
_struct.title                     'H. salinarum dodecin E45A mutant' 
_struct.pdbx_model_details        ? 
_struct.pdbx_CASP_flag            ? 
_struct.pdbx_model_type_details   ? 
# 
_struct_keywords.entry_id        2VX9 
_struct_keywords.pdbx_keywords   FLAVOPROTEIN 
_struct_keywords.text            'FLAVOPROTEIN, FLAVIN, ARCHAEA, DODECIN, RIBOFLAVIN, LUMICHROME' 
# 
loop_
_struct_asym.id 
_struct_asym.pdbx_blank_PDB_chainid_flag 
_struct_asym.pdbx_modified 
_struct_asym.entity_id 
_struct_asym.details 
A N N 1 ? 
B N N 2 ? 
C N N 3 ? 
D N N 3 ? 
E N N 3 ? 
F N N 4 ? 
G N N 4 ? 
H N N 4 ? 
I N N 3 ? 
J N N 5 ? 
# 
_struct_biol.id   1 
# 
_struct_conf.conf_type_id            HELX_P 
_struct_conf.id                      HELX_P1 
_struct_conf.pdbx_PDB_helix_id       1 
_struct_conf.beg_label_comp_id       SER 
_struct_conf.beg_label_asym_id       A 
_struct_conf.beg_label_seq_id        15 
_struct_conf.pdbx_beg_PDB_ins_code   ? 
_struct_conf.end_label_comp_id       LEU 
_struct_conf.end_label_asym_id       A 
_struct_conf.end_label_seq_id        31 
_struct_conf.pdbx_end_PDB_ins_code   ? 
_struct_conf.beg_auth_comp_id        SER 
_struct_conf.beg_auth_asym_id        A 
_struct_conf.beg_auth_seq_id         15 
_struct_conf.end_auth_comp_id        LEU 
_struct_conf.end_auth_asym_id        A 
_struct_conf.end_auth_seq_id         31 
_struct_conf.pdbx_PDB_helix_class    1 
_struct_conf.details                 ? 
_struct_conf.pdbx_PDB_helix_length   17 
# 
_struct_conf_type.id          HELX_P 
_struct_conf_type.criteria    ? 
_struct_conf_type.reference   ? 
# 
loop_
_struct_conn.id 
_struct_conn.conn_type_id 
_struct_conn.pdbx_leaving_atom_flag 
_struct_conn.pdbx_PDB_id 
_struct_conn.ptnr1_label_asym_id 
_struct_conn.ptnr1_label_comp_id 
_struct_conn.ptnr1_label_seq_id 
_struct_conn.ptnr1_label_atom_id 
_struct_conn.pdbx_ptnr1_label_alt_id 
_struct_conn.pdbx_ptnr1_PDB_ins_code 
_struct_conn.pdbx_ptnr1_standard_comp_id 
_struct_conn.ptnr1_symmetry 
_struct_conn.ptnr2_label_asym_id 
_struct_conn.ptnr2_label_comp_id 
_struct_conn.ptnr2_label_seq_id 
_struct_conn.ptnr2_label_atom_id 
_struct_conn.pdbx_ptnr2_label_alt_id 
_struct_conn.pdbx_ptnr2_PDB_ins_code 
_struct_conn.ptnr1_auth_asym_id 
_struct_conn.ptnr1_auth_comp_id 
_struct_conn.ptnr1_auth_seq_id 
_struct_conn.ptnr2_auth_asym_id 
_struct_conn.ptnr2_auth_comp_id 
_struct_conn.ptnr2_auth_seq_id 
_struct_conn.ptnr2_symmetry 
_struct_conn.pdbx_ptnr3_label_atom_id 
_struct_conn.pdbx_ptnr3_label_seq_id 
_struct_conn.pdbx_ptnr3_label_comp_id 
_struct_conn.pdbx_ptnr3_label_asym_id 
_struct_conn.pdbx_ptnr3_label_alt_id 
_struct_conn.pdbx_ptnr3_PDB_ins_code 
_struct_conn.details 
_struct_conn.pdbx_dist_value 
_struct_conn.pdbx_value_order 
_struct_conn.pdbx_role 
metalc1  metalc ? ? A GLU 14 OE2   ? ? ? 1_555  C NA  . NA ? ? A GLU 14   A NA  1065 1_555  ? ? ? ? ? ? ? 2.208 ? ? 
metalc2  metalc ? ? A ASP 41 OD2   ? ? ? 8_556  I NA  . NA ? ? A ASP 41   A NA  1071 1_555  ? ? ? ? ? ? ? 2.272 ? ? 
metalc3  metalc ? ? B RBF .  "O2'" ? ? ? 1_555  D NA  . NA ? ? A RBF 1064 A NA  1066 55_555 ? ? ? ? ? ? ? 2.997 ? ? 
metalc4  metalc ? ? B RBF .  "O3'" ? ? ? 1_555  D NA  . NA ? ? A RBF 1064 A NA  1066 55_555 ? ? ? ? ? ? ? 3.070 ? ? 
metalc5  metalc ? ? B RBF .  "O2'" ? ? ? 34_555 D NA  . NA ? ? A RBF 1064 A NA  1066 1_555  ? ? ? ? ? ? ? 2.997 ? ? 
metalc6  metalc ? ? B RBF .  "O3'" ? ? ? 34_555 D NA  . NA ? ? A RBF 1064 A NA  1066 1_555  ? ? ? ? ? ? ? 3.070 ? ? 
metalc7  metalc ? ? C NA  .  NA    ? ? ? 1_555  J HOH . O  ? ? A NA  1065 A HOH 2020 1_555  ? ? ? ? ? ? ? 2.100 ? ? 
metalc8  metalc ? ? C NA  .  NA    ? ? ? 1_555  J HOH . O  ? ? A NA  1065 A HOH 2025 43_555 ? ? ? ? ? ? ? 2.142 ? ? 
metalc9  metalc ? ? C NA  .  NA    ? ? ? 1_555  J HOH . O  ? ? A NA  1065 A HOH 2027 43_555 ? ? ? ? ? ? ? 2.074 ? ? 
metalc10 metalc ? ? C NA  .  NA    ? ? ? 1_555  J HOH . O  ? ? A NA  1065 A HOH 2033 43_555 ? ? ? ? ? ? ? 2.160 ? ? 
metalc11 metalc ? ? C NA  .  NA    ? ? ? 1_555  J HOH . O  ? ? A NA  1065 A HOH 2056 1_555  ? ? ? ? ? ? ? 2.186 ? ? 
metalc12 metalc ? ? E NA  .  NA    ? ? ? 1_555  F CL  . CL ? ? A NA  1067 A CL  1068 11_465 ? ? ? ? ? ? ? 2.715 ? ? 
metalc13 metalc ? ? E NA  .  NA    ? ? ? 1_555  F CL  . CL ? ? A NA  1067 A CL  1068 8_556  ? ? ? ? ? ? ? 2.715 ? ? 
metalc14 metalc ? ? E NA  .  NA    ? ? ? 1_555  F CL  . CL ? ? A NA  1067 A CL  1068 1_555  ? ? ? ? ? ? ? 2.715 ? ? 
metalc15 metalc ? ? E NA  .  NA    ? ? ? 1_555  G CL  . CL ? ? A NA  1067 A CL  1069 1_555  ? ? ? ? ? ? ? 2.748 ? ? 
metalc16 metalc ? ? E NA  .  NA    ? ? ? 1_555  G CL  . CL ? ? A NA  1067 A CL  1069 8_556  ? ? ? ? ? ? ? 2.748 ? ? 
metalc17 metalc ? ? E NA  .  NA    ? ? ? 1_555  G CL  . CL ? ? A NA  1067 A CL  1069 11_465 ? ? ? ? ? ? ? 2.748 ? ? 
metalc18 metalc ? ? E NA  .  NA    ? ? ? 1_555  J HOH . O  ? ? A NA  1067 A HOH 2065 1_555  ? ? ? ? ? ? ? 2.359 ? ? 
metalc19 metalc ? ? E NA  .  NA    ? ? ? 1_555  J HOH . O  ? ? A NA  1067 A HOH 2065 8_556  ? ? ? ? ? ? ? 2.357 ? ? 
metalc20 metalc ? ? E NA  .  NA    ? ? ? 1_555  J HOH . O  ? ? A NA  1067 A HOH 2065 11_465 ? ? ? ? ? ? ? 2.359 ? ? 
metalc21 metalc ? ? I NA  .  NA    ? ? ? 1_555  J HOH . O  ? ? A NA  1071 A HOH 2046 1_555  ? ? ? ? ? ? ? 2.398 ? ? 
# 
_struct_conn_type.id          metalc 
_struct_conn_type.criteria    ? 
_struct_conn_type.reference   ? 
# 
_struct_sheet.id               AA 
_struct_sheet.type             ? 
_struct_sheet.number_strands   3 
_struct_sheet.details          ? 
# 
loop_
_struct_sheet_order.sheet_id 
_struct_sheet_order.range_id_1 
_struct_sheet_order.range_id_2 
_struct_sheet_order.offset 
_struct_sheet_order.sense 
AA 1 2 ? anti-parallel 
AA 2 3 ? anti-parallel 
# 
loop_
_struct_sheet_range.sheet_id 
_struct_sheet_range.id 
_struct_sheet_range.beg_label_comp_id 
_struct_sheet_range.beg_label_asym_id 
_struct_sheet_range.beg_label_seq_id 
_struct_sheet_range.pdbx_beg_PDB_ins_code 
_struct_sheet_range.end_label_comp_id 
_struct_sheet_range.end_label_asym_id 
_struct_sheet_range.end_label_seq_id 
_struct_sheet_range.pdbx_end_PDB_ins_code 
_struct_sheet_range.beg_auth_comp_id 
_struct_sheet_range.beg_auth_asym_id 
_struct_sheet_range.beg_auth_seq_id 
_struct_sheet_range.end_auth_comp_id 
_struct_sheet_range.end_auth_asym_id 
_struct_sheet_range.end_auth_seq_id 
AA 1 PHE A 3  ? SER A 12 ? PHE A 3  SER A 12 
AA 2 THR A 53 ? GLU A 63 ? THR A 53 GLU A 63 
AA 3 VAL A 34 ? ALA A 45 ? VAL A 34 ALA A 45 
# 
loop_
_pdbx_struct_sheet_hbond.sheet_id 
_pdbx_struct_sheet_hbond.range_id_1 
_pdbx_struct_sheet_hbond.range_id_2 
_pdbx_struct_sheet_hbond.range_1_label_atom_id 
_pdbx_struct_sheet_hbond.range_1_label_comp_id 
_pdbx_struct_sheet_hbond.range_1_label_asym_id 
_pdbx_struct_sheet_hbond.range_1_label_seq_id 
_pdbx_struct_sheet_hbond.range_1_PDB_ins_code 
_pdbx_struct_sheet_hbond.range_1_auth_atom_id 
_pdbx_struct_sheet_hbond.range_1_auth_comp_id 
_pdbx_struct_sheet_hbond.range_1_auth_asym_id 
_pdbx_struct_sheet_hbond.range_1_auth_seq_id 
_pdbx_struct_sheet_hbond.range_2_label_atom_id 
_pdbx_struct_sheet_hbond.range_2_label_comp_id 
_pdbx_struct_sheet_hbond.range_2_label_asym_id 
_pdbx_struct_sheet_hbond.range_2_label_seq_id 
_pdbx_struct_sheet_hbond.range_2_PDB_ins_code 
_pdbx_struct_sheet_hbond.range_2_auth_atom_id 
_pdbx_struct_sheet_hbond.range_2_auth_comp_id 
_pdbx_struct_sheet_hbond.range_2_auth_asym_id 
_pdbx_struct_sheet_hbond.range_2_auth_seq_id 
AA 1 2 N SER A 12 ? N SER A 12 O TYR A 54 ? O TYR A 54 
AA 2 3 O ALA A 61 ? O ALA A 61 N VAL A 35 ? N VAL A 35 
# 
loop_
_struct_site.id 
_struct_site.pdbx_evidence_code 
_struct_site.pdbx_auth_asym_id 
_struct_site.pdbx_auth_comp_id 
_struct_site.pdbx_auth_seq_id 
_struct_site.pdbx_auth_ins_code 
_struct_site.pdbx_num_residues 
_struct_site.details 
AC1 Software A RBF 1064 ? 10 'BINDING SITE FOR RESIDUE RBF A 1064' 
AC2 Software A NA  1065 ? 6  'BINDING SITE FOR RESIDUE NA A 1065'  
AC3 Software A NA  1071 ? 2  'BINDING SITE FOR RESIDUE NA A 1071'  
AC4 Software A NA  1066 ? 6  'BINDING SITE FOR RESIDUE NA A 1066'  
AC5 Software A NA  1067 ? 9  'BINDING SITE FOR RESIDUE NA A 1067'  
AC6 Software A CL  1068 ? 9  'BINDING SITE FOR RESIDUE CL A 1068'  
AC7 Software A CL  1069 ? 6  'BINDING SITE FOR RESIDUE CL A 1069'  
AC8 Software A CL  1070 ? 6  'BINDING SITE FOR RESIDUE CL A 1070'  
# 
loop_
_struct_site_gen.id 
_struct_site_gen.site_id 
_struct_site_gen.pdbx_num_res 
_struct_site_gen.label_comp_id 
_struct_site_gen.label_asym_id 
_struct_site_gen.label_seq_id 
_struct_site_gen.pdbx_auth_ins_code 
_struct_site_gen.auth_comp_id 
_struct_site_gen.auth_asym_id 
_struct_site_gen.auth_seq_id 
_struct_site_gen.label_atom_id 
_struct_site_gen.label_alt_id 
_struct_site_gen.symmetry 
_struct_site_gen.details 
1  AC1 10 PHE A 3  ? PHE A 3    . ? 1_555  ? 
2  AC1 10 VAL A 35 ? VAL A 35   . ? 1_555  ? 
3  AC1 10 TRP A 36 ? TRP A 36   . ? 1_555  ? 
4  AC1 10 VAL A 44 ? VAL A 44   . ? 55_555 ? 
5  AC1 10 ALA A 45 ? ALA A 45   . ? 55_555 ? 
6  AC1 10 ALA A 48 ? ALA A 48   . ? 55_555 ? 
7  AC1 10 GLN A 55 ? GLN A 55   . ? 8_556  ? 
8  AC1 10 NA  D .  ? NA  A 1066 . ? 55_555 ? 
9  AC1 10 HOH J .  ? HOH A 2046 . ? 1_555  ? 
10 AC1 10 HOH J .  ? HOH A 2069 . ? 1_555  ? 
11 AC2 6  GLU A 14 ? GLU A 14   . ? 1_555  ? 
12 AC2 6  HOH J .  ? HOH A 2020 . ? 1_555  ? 
13 AC2 6  HOH J .  ? HOH A 2025 . ? 43_555 ? 
14 AC2 6  HOH J .  ? HOH A 2027 . ? 43_555 ? 
15 AC2 6  HOH J .  ? HOH A 2033 . ? 43_555 ? 
16 AC2 6  HOH J .  ? HOH A 2056 . ? 1_555  ? 
17 AC3 2  ASP A 41 ? ASP A 41   . ? 8_556  ? 
18 AC3 2  HOH J .  ? HOH A 2046 . ? 1_555  ? 
19 AC4 6  VAL A 35 ? VAL A 35   . ? 34_555 ? 
20 AC4 6  ALA A 45 ? ALA A 45   . ? 1_555  ? 
21 AC4 6  ILE A 46 ? ILE A 46   . ? 1_555  ? 
22 AC4 6  GLY A 47 ? GLY A 47   . ? 1_555  ? 
23 AC4 6  ALA A 48 ? ALA A 48   . ? 1_555  ? 
24 AC4 6  RBF B .  ? RBF A 1064 . ? 34_555 ? 
25 AC5 9  CL  F .  ? CL  A 1068 . ? 1_555  ? 
26 AC5 9  CL  F .  ? CL  A 1068 . ? 8_556  ? 
27 AC5 9  CL  F .  ? CL  A 1068 . ? 11_465 ? 
28 AC5 9  CL  G .  ? CL  A 1069 . ? 11_465 ? 
29 AC5 9  CL  G .  ? CL  A 1069 . ? 8_556  ? 
30 AC5 9  CL  G .  ? CL  A 1069 . ? 1_555  ? 
31 AC5 9  HOH J .  ? HOH A 2065 . ? 1_555  ? 
32 AC5 9  HOH J .  ? HOH A 2065 . ? 8_556  ? 
33 AC5 9  HOH J .  ? HOH A 2065 . ? 11_465 ? 
34 AC6 9  GLN A 59 ? GLN A 59   . ? 11_465 ? 
35 AC6 9  GLN A 59 ? GLN A 59   . ? 1_555  ? 
36 AC6 9  GLN A 59 ? GLN A 59   . ? 8_556  ? 
37 AC6 9  NA  E .  ? NA  A 1067 . ? 1_555  ? 
38 AC6 9  NA  E .  ? NA  A 1067 . ? 11_465 ? 
39 AC6 9  NA  E .  ? NA  A 1067 . ? 8_556  ? 
40 AC6 9  HOH J .  ? HOH A 2032 . ? 11_465 ? 
41 AC6 9  HOH J .  ? HOH A 2032 . ? 8_556  ? 
42 AC6 9  HOH J .  ? HOH A 2032 . ? 1_555  ? 
43 AC7 6  NA  E .  ? NA  A 1067 . ? 1_555  ? 
44 AC7 6  NA  E .  ? NA  A 1067 . ? 8_556  ? 
45 AC7 6  NA  E .  ? NA  A 1067 . ? 11_465 ? 
46 AC7 6  HOH J .  ? HOH A 2007 . ? 8_556  ? 
47 AC7 6  HOH J .  ? HOH A 2007 . ? 1_555  ? 
48 AC7 6  HOH J .  ? HOH A 2007 . ? 11_465 ? 
49 AC8 6  SER A 15 ? SER A 15   . ? 34_555 ? 
50 AC8 6  THR A 17 ? THR A 17   . ? 34_555 ? 
51 AC8 6  THR A 17 ? THR A 17   . ? 55_555 ? 
52 AC8 6  HOH J .  ? HOH A 2023 . ? 34_555 ? 
53 AC8 6  HOH J .  ? HOH A 2023 . ? 55_555 ? 
54 AC8 6  HOH J .  ? HOH A 2023 . ? 1_555  ? 
# 
_atom_sites.entry_id                    2VX9 
_atom_sites.fract_transf_matrix[1][1]   -0.00239848 
_atom_sites.fract_transf_matrix[1][2]   0.00609470 
_atom_sites.fract_transf_matrix[1][3]   -0.00245885 
_atom_sites.fract_transf_matrix[2][1]   -0.00612319 
_atom_sites.fract_transf_matrix[2][2]   -0.00302308 
_atom_sites.fract_transf_matrix[2][3]   -0.00152039 
_atom_sites.fract_transf_matrix[3][1]   -0.00238702 
_atom_sites.fract_transf_matrix[3][2]   0.00163084 
_atom_sites.fract_transf_matrix[3][3]   0.00637075 
_atom_sites.fract_transf_vector[1]      0.104910 
_atom_sites.fract_transf_vector[2]      0.494914 
_atom_sites.fract_transf_vector[3]      0.385456 
# 
loop_
_atom_type.symbol 
C  
CL 
N  
NA 
O  
# 
loop_
_atom_site.group_PDB 
_atom_site.id 
_atom_site.type_symbol 
_atom_site.label_atom_id 
_atom_site.label_alt_id 
_atom_site.label_comp_id 
_atom_site.label_asym_id 
_atom_site.label_entity_id 
_atom_site.label_seq_id 
_atom_site.pdbx_PDB_ins_code 
_atom_site.Cartn_x 
_atom_site.Cartn_y 
_atom_site.Cartn_z 
_atom_site.occupancy 
_atom_site.B_iso_or_equiv 
_atom_site.pdbx_formal_charge 
_atom_site.auth_seq_id 
_atom_site.auth_comp_id 
_atom_site.auth_asym_id 
_atom_site.auth_atom_id 
_atom_site.pdbx_PDB_model_num 
ATOM   1   N  N     . VAL A 1 2  ? -20.438 5.360   7.002   1.00 18.18 ? 2    VAL A N     1 
ATOM   2   C  CA    . VAL A 1 2  ? -19.785 4.023   7.173   1.00 17.00 ? 2    VAL A CA    1 
ATOM   3   C  C     . VAL A 1 2  ? -18.467 4.059   6.382   1.00 16.67 ? 2    VAL A C     1 
ATOM   4   O  O     . VAL A 1 2  ? -18.435 4.550   5.242   1.00 18.66 ? 2    VAL A O     1 
ATOM   5   C  CB    . VAL A 1 2  ? -20.677 2.863   6.616   1.00 17.03 ? 2    VAL A CB    1 
ATOM   6   C  CG1   . VAL A 1 2  ? -20.022 1.493   6.829   1.00 16.69 ? 2    VAL A CG1   1 
ATOM   7   C  CG2   . VAL A 1 2  ? -22.123 2.844   7.238   1.00 18.69 ? 2    VAL A CG2   1 
ATOM   8   N  N     . PHE A 1 3  ? -17.377 3.557   6.961   1.00 16.01 ? 3    PHE A N     1 
ATOM   9   C  CA    . PHE A 1 3  ? -16.124 3.416   6.218   1.00 14.61 ? 3    PHE A CA    1 
ATOM   10  C  C     . PHE A 1 3  ? -15.917 1.929   5.901   1.00 14.32 ? 3    PHE A C     1 
ATOM   11  O  O     . PHE A 1 3  ? -16.393 1.049   6.645   1.00 15.26 ? 3    PHE A O     1 
ATOM   12  C  CB    . PHE A 1 3  ? -14.952 3.900   7.076   1.00 14.06 ? 3    PHE A CB    1 
ATOM   13  C  CG    . PHE A 1 3  ? -15.093 5.330   7.550   1.00 15.03 ? 3    PHE A CG    1 
ATOM   14  C  CD1   . PHE A 1 3  ? -15.439 5.607   8.876   1.00 17.76 ? 3    PHE A CD1   1 
ATOM   15  C  CD2   . PHE A 1 3  ? -14.872 6.373   6.667   1.00 15.98 ? 3    PHE A CD2   1 
ATOM   16  C  CE1   . PHE A 1 3  ? -15.563 6.956   9.323   1.00 19.45 ? 3    PHE A CE1   1 
ATOM   17  C  CE2   . PHE A 1 3  ? -14.984 7.712   7.099   1.00 17.65 ? 3    PHE A CE2   1 
ATOM   18  C  CZ    . PHE A 1 3  ? -15.332 7.990   8.418   1.00 18.79 ? 3    PHE A CZ    1 
ATOM   19  N  N     . LYS A 1 4  ? -15.221 1.646   4.804   1.00 13.92 ? 4    LYS A N     1 
ATOM   20  C  CA    . LYS A 1 4  ? -14.835 0.276   4.452   1.00 13.28 ? 4    LYS A CA    1 
ATOM   21  C  C     . LYS A 1 4  ? -13.317 0.286   4.236   1.00 13.71 ? 4    LYS A C     1 
ATOM   22  O  O     . LYS A 1 4  ? -12.754 1.301   3.816   1.00 14.26 ? 4    LYS A O     1 
ATOM   23  C  CB    . LYS A 1 4  ? -15.543 -0.128  3.144   1.00 13.98 ? 4    LYS A CB    1 
ATOM   24  C  CG    . LYS A 1 4  ? -15.222 -1.523  2.685   1.00 15.87 ? 4    LYS A CG    1 
ATOM   25  C  CD    . LYS A 1 4  ? -16.110 -1.858  1.482   1.00 19.98 ? 4    LYS A CD    1 
ATOM   26  C  CE    . LYS A 1 4  ? -15.889 -3.272  1.034   1.00 25.68 ? 4    LYS A CE    1 
ATOM   27  N  NZ    . LYS A 1 4  ? -16.780 -3.481  -0.154  1.00 29.03 ? 4    LYS A NZ    1 
ATOM   28  N  N     . LYS A 1 5  ? -12.639 -0.814  4.555   1.00 13.25 ? 5    LYS A N     1 
ATOM   29  C  CA    . LYS A 1 5  ? -11.184 -0.887  4.320   1.00 12.53 ? 5    LYS A CA    1 
ATOM   30  C  C     . LYS A 1 5  ? -10.870 -2.001  3.336   1.00 13.99 ? 5    LYS A C     1 
ATOM   31  O  O     . LYS A 1 5  ? -11.489 -3.074  3.401   1.00 14.41 ? 5    LYS A O     1 
ATOM   32  C  CB    . LYS A 1 5  ? -10.454 -1.184  5.644   1.00 13.89 ? 5    LYS A CB    1 
ATOM   33  C  CG    . LYS A 1 5  ? -10.393 0.029   6.563   1.00 14.07 ? 5    LYS A CG    1 
ATOM   34  C  CD    . LYS A 1 5  ? -9.898  -0.380  7.958   1.00 16.26 ? 5    LYS A CD    1 
ATOM   35  C  CE    . LYS A 1 5  ? -9.829  0.851   8.814   1.00 21.00 ? 5    LYS A CE    1 
ATOM   36  N  NZ    . LYS A 1 5  ? -9.478  0.566   10.263  1.00 25.86 ? 5    LYS A NZ    1 
ATOM   37  N  N     . VAL A 1 6  ? -9.889  -1.751  2.456   1.00 13.25 ? 6    VAL A N     1 
ATOM   38  C  CA    . VAL A 1 6  ? -9.300  -2.791  1.586   1.00 14.36 ? 6    VAL A CA    1 
ATOM   39  C  C     . VAL A 1 6  ? -7.835  -3.009  1.988   1.00 13.17 ? 6    VAL A C     1 
ATOM   40  O  O     . VAL A 1 6  ? -7.127  -2.049  2.359   1.00 14.08 ? 6    VAL A O     1 
ATOM   41  C  CB    . VAL A 1 6  ? -9.435  -2.478  0.082   1.00 14.74 ? 6    VAL A CB    1 
ATOM   42  C  CG1   . VAL A 1 6  ? -10.926 -2.608  -0.271  1.00 19.21 ? 6    VAL A CG1   1 
ATOM   43  C  CG2   . VAL A 1 6  ? -8.859  -1.092  -0.228  1.00 15.80 ? 6    VAL A CG2   1 
ATOM   44  N  N     . LEU A 1 7  ? -7.408  -4.274  1.958   1.00 12.31 ? 7    LEU A N     1 
ATOM   45  C  CA    . LEU A 1 7  ? -6.102  -4.652  2.478   1.00 11.89 ? 7    LEU A CA    1 
ATOM   46  C  C     . LEU A 1 7  ? -5.125  -4.811  1.292   1.00 12.61 ? 7    LEU A C     1 
ATOM   47  O  O     . LEU A 1 7  ? -5.168  -5.803  0.538   1.00 13.80 ? 7    LEU A O     1 
ATOM   48  C  CB    . LEU A 1 7  ? -6.226  -5.946  3.308   1.00 12.28 ? 7    LEU A CB    1 
ATOM   49  C  CG    . LEU A 1 7  ? -4.946  -6.496  3.933   1.00 11.00 ? 7    LEU A CG    1 
ATOM   50  C  CD1   . LEU A 1 7  ? -4.295  -5.422  4.849   1.00 13.52 ? 7    LEU A CD1   1 
ATOM   51  C  CD2   . LEU A 1 7  ? -5.232  -7.768  4.786   1.00 13.03 ? 7    LEU A CD2   1 
ATOM   52  N  N     . LEU A 1 8  ? -4.260  -3.810  1.118   1.00 12.53 ? 8    LEU A N     1 
ATOM   53  C  CA    . LEU A 1 8  ? -3.411  -3.761  -0.060  1.00 13.02 ? 8    LEU A CA    1 
ATOM   54  C  C     . LEU A 1 8  ? -1.920  -3.764  0.330   1.00 12.97 ? 8    LEU A C     1 
ATOM   55  O  O     . LEU A 1 8  ? -1.530  -3.087  1.290   1.00 13.37 ? 8    LEU A O     1 
ATOM   56  C  CB    . LEU A 1 8  ? -3.671  -2.434  -0.829  1.00 13.93 ? 8    LEU A CB    1 
ATOM   57  C  CG    . LEU A 1 8  ? -5.095  -2.263  -1.355  1.00 13.91 ? 8    LEU A CG    1 
ATOM   58  C  CD1   . LEU A 1 8  ? -5.288  -0.834  -1.981  1.00 14.01 ? 8    LEU A CD1   1 
ATOM   59  C  CD2   . LEU A 1 8  ? -5.344  -3.335  -2.402  1.00 17.11 ? 8    LEU A CD2   1 
ATOM   60  N  N     . THR A 1 9  ? -1.104  -4.438  -0.470  1.00 12.89 ? 9    THR A N     1 
ATOM   61  C  CA    . THR A 1 9  ? 0.362   -4.373  -0.298  1.00 12.68 ? 9    THR A CA    1 
ATOM   62  C  C     . THR A 1 9  ? 0.971   -3.607  -1.463  1.00 12.97 ? 9    THR A C     1 
ATOM   63  O  O     . THR A 1 9  ? 0.928   -4.069  -2.611  1.00 13.34 ? 9    THR A O     1 
ATOM   64  C  CB    . THR A 1 9  ? 0.980   -5.796  -0.227  1.00 13.26 ? 9    THR A CB    1 
ATOM   65  O  OG1   . THR A 1 9  ? 0.398   -6.462  0.904   1.00 15.20 ? 9    THR A OG1   1 
ATOM   66  C  CG2   . THR A 1 9  ? 2.492   -5.750  -0.002  1.00 12.98 ? 9    THR A CG2   1 
ATOM   67  N  N     . GLY A 1 10 ? 1.487   -2.416  -1.155  1.00 13.62 ? 10   GLY A N     1 
ATOM   68  C  CA    . GLY A 1 10 ? 2.246   -1.626  -2.144  1.00 13.36 ? 10   GLY A CA    1 
ATOM   69  C  C     . GLY A 1 10 ? 3.712   -2.067  -2.221  1.00 14.74 ? 10   GLY A C     1 
ATOM   70  O  O     . GLY A 1 10 ? 4.295   -2.613  -1.251  1.00 13.50 ? 10   GLY A O     1 
ATOM   71  N  N     . THR A 1 11 ? 4.347   -1.807  -3.372  1.00 14.79 ? 11   THR A N     1 
ATOM   72  C  CA    . THR A 1 11 ? 5.757   -2.167  -3.515  1.00 15.31 ? 11   THR A CA    1 
ATOM   73  C  C     . THR A 1 11 ? 6.574   -0.989  -4.061  1.00 15.36 ? 11   THR A C     1 
ATOM   74  O  O     . THR A 1 11 ? 6.032   -0.134  -4.780  1.00 16.40 ? 11   THR A O     1 
ATOM   75  C  CB    . THR A 1 11 ? 5.965   -3.419  -4.438  1.00 17.30 ? 11   THR A CB    1 
ATOM   76  O  OG1   . THR A 1 11 ? 5.693   -3.072  -5.810  1.00 18.21 ? 11   THR A OG1   1 
ATOM   77  C  CG2   . THR A 1 11 ? 5.053   -4.562  -4.037  1.00 17.12 ? 11   THR A CG2   1 
ATOM   78  N  N     . SER A 1 12 ? 7.868   -0.968  -3.747  1.00 15.74 ? 12   SER A N     1 
ATOM   79  C  CA    . SER A 1 12 ? 8.762   0.122   -4.215  1.00 15.09 ? 12   SER A CA    1 
ATOM   80  C  C     . SER A 1 12 ? 10.204  -0.341  -4.197  1.00 16.77 ? 12   SER A C     1 
ATOM   81  O  O     . SER A 1 12 ? 10.627  -1.026  -3.256  1.00 16.85 ? 12   SER A O     1 
ATOM   82  C  CB    . SER A 1 12 ? 8.630   1.347   -3.294  1.00 16.58 ? 12   SER A CB    1 
ATOM   83  O  OG    . SER A 1 12 ? 9.617   2.353   -3.616  1.00 16.32 ? 12   SER A OG    1 
ATOM   84  N  N     . GLU A 1 13 ? 11.001  0.042   -5.205  1.00 15.92 ? 13   GLU A N     1 
ATOM   85  C  CA    . GLU A 1 13 ? 12.430  -0.206  -5.088  1.00 16.33 ? 13   GLU A CA    1 
ATOM   86  C  C     . GLU A 1 13 ? 13.164  0.840   -4.289  1.00 16.07 ? 13   GLU A C     1 
ATOM   87  O  O     . GLU A 1 13 ? 14.386  0.753   -4.189  1.00 16.67 ? 13   GLU A O     1 
ATOM   88  C  CB    . GLU A 1 13 ? 13.064  -0.325  -6.512  1.00 18.41 ? 13   GLU A CB    1 
ATOM   89  C  CG    . GLU A 1 13 ? 12.418  -1.463  -7.274  1.00 23.09 ? 13   GLU A CG    1 
ATOM   90  C  CD    . GLU A 1 13 ? 12.938  -1.639  -8.693  1.00 30.92 ? 13   GLU A CD    1 
ATOM   91  O  OE1   . GLU A 1 13 ? 13.732  -0.792  -9.175  1.00 31.04 ? 13   GLU A OE1   1 
ATOM   92  O  OE2   . GLU A 1 13 ? 12.544  -2.649  -9.320  1.00 34.45 ? 13   GLU A OE2   1 
ATOM   93  N  N     . GLU A 1 14 ? 12.452  1.815   -3.709  1.00 14.82 ? 14   GLU A N     1 
ATOM   94  C  CA    . GLU A 1 14 ? 13.099  2.919   -3.016  1.00 15.16 ? 14   GLU A CA    1 
ATOM   95  C  C     . GLU A 1 14 ? 12.926  2.931   -1.487  1.00 14.53 ? 14   GLU A C     1 
ATOM   96  O  O     . GLU A 1 14 ? 13.911  3.107   -0.773  1.00 15.19 ? 14   GLU A O     1 
ATOM   97  C  CB    . GLU A 1 14 ? 12.636  4.265   -3.586  1.00 16.16 ? 14   GLU A CB    1 
ATOM   98  C  CG    . GLU A 1 14 ? 12.778  4.307   -5.151  1.00 19.10 ? 14   GLU A CG    1 
ATOM   99  C  CD    . GLU A 1 14 ? 14.202  3.974   -5.656  1.00 20.68 ? 14   GLU A CD    1 
ATOM   100 O  OE1   . GLU A 1 14 ? 15.172  4.226   -4.924  1.00 21.98 ? 14   GLU A OE1   1 
ATOM   101 O  OE2   . GLU A 1 14 ? 14.329  3.434   -6.795  1.00 22.90 ? 14   GLU A OE2   1 
ATOM   102 N  N     . SER A 1 15 ? 11.688  2.822   -0.988  1.00 14.75 ? 15   SER A N     1 
ATOM   103 C  CA    . SER A 1 15 ? 11.514  2.950   0.485   1.00 13.83 ? 15   SER A CA    1 
ATOM   104 C  C     . SER A 1 15 ? 10.195  2.368   0.967   1.00 13.50 ? 15   SER A C     1 
ATOM   105 O  O     . SER A 1 15 ? 9.274   2.164   0.163   1.00 13.95 ? 15   SER A O     1 
ATOM   106 C  CB    . SER A 1 15 ? 11.540  4.422   0.939   1.00 13.95 ? 15   SER A CB    1 
ATOM   107 O  OG    . SER A 1 15 ? 10.430  5.172   0.410   1.00 14.49 ? 15   SER A OG    1 
ATOM   108 N  N     . PHE A 1 16 ? 10.074  2.176   2.298   1.00 14.08 ? 16   PHE A N     1 
ATOM   109 C  CA    . PHE A 1 16 ? 8.772   1.769   2.840   1.00 13.21 ? 16   PHE A CA    1 
ATOM   110 C  C     . PHE A 1 16 ? 7.711   2.842   2.651   1.00 13.65 ? 16   PHE A C     1 
ATOM   111 O  O     . PHE A 1 16 ? 6.535   2.516   2.458   1.00 13.34 ? 16   PHE A O     1 
ATOM   112 C  CB    . PHE A 1 16 ? 8.898   1.429   4.353   1.00 12.45 ? 16   PHE A CB    1 
ATOM   113 C  CG    . PHE A 1 16 ? 9.777   0.216   4.635   1.00 11.42 ? 16   PHE A CG    1 
ATOM   114 C  CD1   . PHE A 1 16 ? 9.401   -1.047  4.126   1.00 12.69 ? 16   PHE A CD1   1 
ATOM   115 C  CD2   . PHE A 1 16 ? 10.877  0.325   5.467   1.00 12.94 ? 16   PHE A CD2   1 
ATOM   116 C  CE1   . PHE A 1 16 ? 10.189  -2.181  4.385   1.00 13.18 ? 16   PHE A CE1   1 
ATOM   117 C  CE2   . PHE A 1 16 ? 11.673  -0.793  5.727   1.00 12.90 ? 16   PHE A CE2   1 
ATOM   118 C  CZ    . PHE A 1 16 ? 11.318  -2.052  5.188   1.00 13.11 ? 16   PHE A CZ    1 
ATOM   119 N  N     . THR A 1 17 ? 8.101   4.124   2.743   1.00 12.42 ? 17   THR A N     1 
ATOM   120 C  CA    . THR A 1 17 ? 7.118   5.216   2.531   1.00 13.48 ? 17   THR A CA    1 
ATOM   121 C  C     . THR A 1 17 ? 6.592   5.147   1.099   1.00 13.20 ? 17   THR A C     1 
ATOM   122 O  O     . THR A 1 17 ? 5.378   5.227   0.865   1.00 12.61 ? 17   THR A O     1 
ATOM   123 C  CB    . THR A 1 17 ? 7.752   6.611   2.781   1.00 13.01 ? 17   THR A CB    1 
ATOM   124 O  OG1   . THR A 1 17 ? 8.134   6.722   4.148   1.00 13.43 ? 17   THR A OG1   1 
ATOM   125 C  CG2   . THR A 1 17 ? 6.730   7.733   2.509   1.00 14.83 ? 17   THR A CG2   1 
ATOM   126 N  N     . ALA A 1 18 ? 7.487   4.968   0.119   1.00 13.73 ? 18   ALA A N     1 
ATOM   127 C  CA    . ALA A 1 18 ? 7.056   4.931   -1.277  1.00 14.75 ? 18   ALA A CA    1 
ATOM   128 C  C     . ALA A 1 18 ? 6.200   3.679   -1.562  1.00 14.22 ? 18   ALA A C     1 
ATOM   129 O  O     . ALA A 1 18 ? 5.276   3.721   -2.371  1.00 14.39 ? 18   ALA A O     1 
ATOM   130 C  CB    . ALA A 1 18 ? 8.289   4.962   -2.224  1.00 15.43 ? 18   ALA A CB    1 
ATOM   131 N  N     . ALA A 1 19 ? 6.483   2.582   -0.854  1.00 13.53 ? 19   ALA A N     1 
ATOM   132 C  CA    . ALA A 1 19 ? 5.621   1.380   -1.028  1.00 13.42 ? 19   ALA A CA    1 
ATOM   133 C  C     . ALA A 1 19 ? 4.189   1.654   -0.491  1.00 12.77 ? 19   ALA A C     1 
ATOM   134 O  O     . ALA A 1 19 ? 3.213   1.232   -1.110  1.00 12.74 ? 19   ALA A O     1 
ATOM   135 C  CB    . ALA A 1 19 ? 6.267   0.117   -0.354  1.00 11.74 ? 19   ALA A CB    1 
ATOM   136 N  N     . ALA A 1 20 ? 4.082   2.374   0.631   1.00 12.51 ? 20   ALA A N     1 
ATOM   137 C  CA    . ALA A 1 20 ? 2.756   2.758   1.143   1.00 12.61 ? 20   ALA A CA    1 
ATOM   138 C  C     . ALA A 1 20 ? 2.011   3.613   0.115   1.00 13.18 ? 20   ALA A C     1 
ATOM   139 O  O     . ALA A 1 20 ? 0.832   3.401   -0.170  1.00 13.16 ? 20   ALA A O     1 
ATOM   140 C  CB    . ALA A 1 20 ? 2.869   3.468   2.511   1.00 13.21 ? 20   ALA A CB    1 
ATOM   141 N  N     . ASP A 1 21 ? 2.739   4.543   -0.506  1.00 13.61 ? 21   ASP A N     1 
ATOM   142 C  CA    . ASP A 1 21 ? 2.147   5.423   -1.509  1.00 13.98 ? 21   ASP A CA    1 
ATOM   143 C  C     . ASP A 1 21 ? 1.680   4.614   -2.709  1.00 13.77 ? 21   ASP A C     1 
ATOM   144 O  O     . ASP A 1 21 ? 0.667   4.943   -3.309  1.00 13.92 ? 21   ASP A O     1 
ATOM   145 C  CB    . ASP A 1 21 ? 3.223   6.406   -2.042  1.00 14.77 ? 21   ASP A CB    1 
ATOM   146 C  CG    . ASP A 1 21 ? 3.423   7.634   -1.169  1.00 17.36 ? 21   ASP A CG    1 
ATOM   147 O  OD1   . ASP A 1 21 ? 2.531   8.035   -0.371  1.00 17.95 ? 21   ASP A OD1   1 
ATOM   148 O  OD2   . ASP A 1 21 ? 4.531   8.243   -1.304  1.00 19.66 ? 21   ASP A OD2   1 
ATOM   149 N  N     . ASP A 1 22 ? 2.418   3.569   -3.075  1.00 13.82 ? 22   ASP A N     1 
ATOM   150 C  CA    . ASP A 1 22 ? 2.054   2.733   -4.229  1.00 14.31 ? 22   ASP A CA    1 
ATOM   151 C  C     . ASP A 1 22 ? 0.668   2.102   -4.015  1.00 14.33 ? 22   ASP A C     1 
ATOM   152 O  O     . ASP A 1 22 ? -0.171  2.044   -4.934  1.00 14.59 ? 22   ASP A O     1 
ATOM   153 C  CB    . ASP A 1 22 ? 3.121   1.654   -4.408  1.00 15.13 ? 22   ASP A CB    1 
ATOM   154 C  CG    . ASP A 1 22 ? 2.871   0.758   -5.622  1.00 18.36 ? 22   ASP A CG    1 
ATOM   155 O  OD1   . ASP A 1 22 ? 2.802   1.287   -6.768  1.00 20.76 ? 22   ASP A OD1   1 
ATOM   156 O  OD2   . ASP A 1 22 ? 2.789   -0.468  -5.446  1.00 17.38 ? 22   ASP A OD2   1 
ATOM   157 N  N     . ALA A 1 23 ? 0.434   1.591   -2.797  1.00 12.89 ? 23   ALA A N     1 
ATOM   158 C  CA    . ALA A 1 23 ? -0.885  1.012   -2.454  1.00 12.93 ? 23   ALA A CA    1 
ATOM   159 C  C     . ALA A 1 23 ? -2.000  2.056   -2.471  1.00 12.88 ? 23   ALA A C     1 
ATOM   160 O  O     . ALA A 1 23 ? -3.102  1.815   -3.015  1.00 13.88 ? 23   ALA A O     1 
ATOM   161 C  CB    . ALA A 1 23 ? -0.810  0.284   -1.036  1.00 13.59 ? 23   ALA A CB    1 
ATOM   162 N  N     . ILE A 1 24 ? -1.715  3.221   -1.896  1.00 12.68 ? 24   ILE A N     1 
ATOM   163 C  CA    . ILE A 1 24 ? -2.723  4.264   -1.757  1.00 14.12 ? 24   ILE A CA    1 
ATOM   164 C  C     . ILE A 1 24 ? -3.081  4.800   -3.153  1.00 14.91 ? 24   ILE A C     1 
ATOM   165 O  O     . ILE A 1 24 ? -4.266  5.031   -3.435  1.00 15.08 ? 24   ILE A O     1 
ATOM   166 C  CB    . ILE A 1 24 ? -2.262  5.388   -0.811  1.00 14.57 ? 24   ILE A CB    1 
ATOM   167 C  CG1   . ILE A 1 24 ? -2.080  4.830   0.615   1.00 14.55 ? 24   ILE A CG1   1 
ATOM   168 C  CG2   . ILE A 1 24 ? -3.262  6.555   -0.795  1.00 15.77 ? 24   ILE A CG2   1 
ATOM   169 C  CD1   . ILE A 1 24 ? -1.318  5.765   1.584   1.00 15.02 ? 24   ILE A CD1   1 
ATOM   170 N  N     . ASP A 1 25 ? -2.063  4.982   -3.989  1.00 15.73 ? 25   ASP A N     1 
ATOM   171 C  CA    . ASP A 1 25 ? -2.269  5.412   -5.393  1.00 16.54 ? 25   ASP A CA    1 
ATOM   172 C  C     . ASP A 1 25 ? -3.242  4.462   -6.102  1.00 17.33 ? 25   ASP A C     1 
ATOM   173 O  O     . ASP A 1 25 ? -4.164  4.892   -6.818  1.00 18.99 ? 25   ASP A O     1 
ATOM   174 C  CB    . ASP A 1 25 ? -0.935  5.374   -6.158  1.00 16.92 ? 25   ASP A CB    1 
ATOM   175 C  CG    . ASP A 1 25 ? 0.015   6.507   -5.804  1.00 19.41 ? 25   ASP A CG    1 
ATOM   176 O  OD1   . ASP A 1 25 ? -0.346  7.441   -5.085  1.00 19.02 ? 25   ASP A OD1   1 
ATOM   177 O  OD2   . ASP A 1 25 ? 1.180   6.417   -6.273  1.00 23.54 ? 25   ASP A OD2   1 
ATOM   178 N  N     . ARG A 1 26 ? -3.050  3.154   -5.924  1.00 16.54 ? 26   ARG A N     1 
ATOM   179 C  CA    . ARG A 1 26 ? -3.927  2.187   -6.582  1.00 17.31 ? 26   ARG A CA    1 
ATOM   180 C  C     . ARG A 1 26 ? -5.359  2.279   -6.051  1.00 17.78 ? 26   ARG A C     1 
ATOM   181 O  O     . ARG A 1 26 ? -6.321  2.184   -6.814  1.00 18.83 ? 26   ARG A O     1 
ATOM   182 C  CB    . ARG A 1 26 ? -3.372  0.763   -6.468  1.00 17.81 ? 26   ARG A CB    1 
ATOM   183 C  CG    . ARG A 1 26 ? -4.284  -0.291  -7.132  1.00 19.08 ? 26   ARG A CG    1 
ATOM   184 C  CD    . ARG A 1 26 ? -4.282  -0.063  -8.662  1.00 26.99 ? 26   ARG A CD    1 
ATOM   185 N  NE    . ARG A 1 26 ? -4.787  -1.234  -9.380  1.00 35.82 ? 26   ARG A NE    1 
ATOM   186 C  CZ    . ARG A 1 26 ? -6.079  -1.523  -9.540  1.00 39.82 ? 26   ARG A CZ    1 
ATOM   187 N  NH1   . ARG A 1 26 ? -7.019  -0.718  -9.031  1.00 42.98 ? 26   ARG A NH1   1 
ATOM   188 N  NH2   . ARG A 1 26 ? -6.437  -2.624  -10.205 1.00 38.88 ? 26   ARG A NH2   1 
ATOM   189 N  N     . ALA A 1 27 ? -5.515  2.450   -4.736  1.00 16.75 ? 27   ALA A N     1 
ATOM   190 C  CA    . ALA A 1 27 ? -6.832  2.638   -4.135  1.00 18.10 ? 27   ALA A CA    1 
ATOM   191 C  C     . ALA A 1 27 ? -7.518  3.879   -4.742  1.00 19.50 ? 27   ALA A C     1 
ATOM   192 O  O     . ALA A 1 27 ? -8.701  3.832   -5.115  1.00 20.96 ? 27   ALA A O     1 
ATOM   193 C  CB    . ALA A 1 27 ? -6.684  2.787   -2.593  1.00 17.81 ? 27   ALA A CB    1 
ATOM   194 N  N     . GLU A 1 28 ? -6.777  4.976   -4.854  1.00 19.72 ? 28   GLU A N     1 
ATOM   195 C  CA    . GLU A 1 28 ? -7.358  6.220   -5.380  1.00 21.22 ? 28   GLU A CA    1 
ATOM   196 C  C     . GLU A 1 28 ? -7.715  6.118   -6.873  1.00 23.41 ? 28   GLU A C     1 
ATOM   197 O  O     . GLU A 1 28 ? -8.563  6.895   -7.353  1.00 22.91 ? 28   GLU A O     1 
ATOM   198 C  CB    . GLU A 1 28 ? -6.419  7.408   -5.139  1.00 20.72 ? 28   GLU A CB    1 
ATOM   199 C  CG    . GLU A 1 28 ? -6.329  7.780   -3.673  1.00 20.17 ? 28   GLU A CG    1 
ATOM   200 C  CD    . GLU A 1 28 ? -5.472  8.983   -3.399  1.00 25.99 ? 28   GLU A CD    1 
ATOM   201 O  OE1   . GLU A 1 28 ? -4.520  9.237   -4.165  1.00 26.06 ? 28   GLU A OE1   1 
ATOM   202 O  OE2   . GLU A 1 28 ? -5.725  9.651   -2.378  1.00 28.96 ? 28   GLU A OE2   1 
ATOM   203 N  N     . ASP A 1 29 ? -7.076  5.196   -7.599  1.00 24.32 ? 29   ASP A N     1 
ATOM   204 C  CA    . ASP A 1 29 ? -7.381  4.960   -9.036  1.00 26.10 ? 29   ASP A CA    1 
ATOM   205 C  C     . ASP A 1 29 ? -8.771  4.360   -9.187  1.00 26.54 ? 29   ASP A C     1 
ATOM   206 O  O     . ASP A 1 29 ? -9.402  4.520   -10.229 1.00 27.40 ? 29   ASP A O     1 
ATOM   207 C  CB    . ASP A 1 29 ? -6.425  3.945   -9.665  1.00 26.72 ? 29   ASP A CB    1 
ATOM   208 C  CG    . ASP A 1 29 ? -5.061  4.519   -10.006 1.00 30.45 ? 29   ASP A CG    1 
ATOM   209 O  OD1   . ASP A 1 29 ? -4.918  5.752   -10.138 1.00 32.80 ? 29   ASP A OD1   1 
ATOM   210 O  OD2   . ASP A 1 29 ? -4.117  3.699   -10.139 1.00 35.52 ? 29   ASP A OD2   1 
ATOM   211 N  N     . THR A 1 30 ? -9.223  3.629   -8.170  1.00 27.06 ? 30   THR A N     1 
ATOM   212 C  CA    . THR A 1 30 ? -10.344 2.712   -8.306  1.00 29.22 ? 30   THR A CA    1 
ATOM   213 C  C     . THR A 1 30 ? -11.484 3.015   -7.334  1.00 29.34 ? 30   THR A C     1 
ATOM   214 O  O     . THR A 1 30 ? -12.566 2.455   -7.477  1.00 30.81 ? 30   THR A O     1 
ATOM   215 C  CB    . THR A 1 30 ? -9.887  1.246   -8.084  1.00 29.02 ? 30   THR A CB    1 
ATOM   216 O  OG1   . THR A 1 30 ? -9.234  1.140   -6.803  1.00 33.37 ? 30   THR A OG1   1 
ATOM   217 C  CG2   . THR A 1 30 ? -8.885  0.825   -9.163  1.00 30.31 ? 30   THR A CG2   1 
ATOM   218 N  N     . LEU A 1 31 ? -11.254 3.903   -6.367  1.00 27.55 ? 31   LEU A N     1 
ATOM   219 C  CA    . LEU A 1 31 ? -12.216 4.159   -5.306  1.00 27.42 ? 31   LEU A CA    1 
ATOM   220 C  C     . LEU A 1 31 ? -12.395 5.635   -5.109  1.00 27.73 ? 31   LEU A C     1 
ATOM   221 O  O     . LEU A 1 31 ? -11.441 6.425   -5.212  1.00 27.92 ? 31   LEU A O     1 
ATOM   222 C  CB    . LEU A 1 31 ? -11.742 3.564   -3.964  1.00 26.36 ? 31   LEU A CB    1 
ATOM   223 C  CG    . LEU A 1 31 ? -11.620 2.057   -3.879  1.00 26.35 ? 31   LEU A CG    1 
ATOM   224 C  CD1   . LEU A 1 31 ? -10.839 1.628   -2.617  1.00 26.59 ? 31   LEU A CD1   1 
ATOM   225 C  CD2   . LEU A 1 31 ? -12.993 1.394   -3.960  1.00 27.29 ? 31   LEU A CD2   1 
ATOM   226 N  N     . ASP A 1 32 ? -13.620 6.016   -4.785  1.00 27.96 ? 32   ASP A N     1 
ATOM   227 C  CA    . ASP A 1 32 ? -13.871 7.374   -4.370  1.00 28.45 ? 32   ASP A CA    1 
ATOM   228 C  C     . ASP A 1 32 ? -13.792 7.502   -2.855  1.00 26.22 ? 32   ASP A C     1 
ATOM   229 O  O     . ASP A 1 32 ? -14.023 6.533   -2.117  1.00 26.94 ? 32   ASP A O     1 
ATOM   230 C  CB    . ASP A 1 32 ? -15.260 7.832   -4.847  1.00 29.92 ? 32   ASP A CB    1 
ATOM   231 C  CG    . ASP A 1 32 ? -15.179 8.627   -6.139  1.00 36.57 ? 32   ASP A CG    1 
ATOM   232 O  OD1   . ASP A 1 32 ? -15.332 9.870   -6.066  1.00 44.92 ? 32   ASP A OD1   1 
ATOM   233 O  OD2   . ASP A 1 32 ? -14.923 8.028   -7.208  1.00 41.59 ? 32   ASP A OD2   1 
ATOM   234 N  N     . ASN A 1 33 ? -13.481 8.703   -2.415  1.00 24.69 ? 33   ASN A N     1 
ATOM   235 C  CA    . ASN A 1 33 ? -13.538 9.084   -0.999  1.00 22.84 ? 33   ASN A CA    1 
ATOM   236 C  C     . ASN A 1 33 ? -12.564 8.292   -0.137  1.00 20.76 ? 33   ASN A C     1 
ATOM   237 O  O     . ASN A 1 33 ? -12.921 7.893   0.970   1.00 19.56 ? 33   ASN A O     1 
ATOM   238 C  CB    . ASN A 1 33 ? -14.944 8.924   -0.434  1.00 24.17 ? 33   ASN A CB    1 
ATOM   239 C  CG    . ASN A 1 33 ? -15.987 9.659   -1.270  1.00 29.77 ? 33   ASN A CG    1 
ATOM   240 O  OD1   . ASN A 1 33 ? -16.954 9.065   -1.739  1.00 38.68 ? 33   ASN A OD1   1 
ATOM   241 N  ND2   . ASN A 1 33 ? -15.775 10.945  -1.462  1.00 33.90 ? 33   ASN A ND2   1 
ATOM   242 N  N     . VAL A 1 34 ? -11.353 8.087   -0.634  1.00 18.61 ? 34   VAL A N     1 
ATOM   243 C  CA    . VAL A 1 34 ? -10.281 7.514   0.211   1.00 18.14 ? 34   VAL A CA    1 
ATOM   244 C  C     . VAL A 1 34 ? -9.905  8.516   1.305   1.00 18.57 ? 34   VAL A C     1 
ATOM   245 O  O     . VAL A 1 34 ? -9.612  9.699   1.011   1.00 19.01 ? 34   VAL A O     1 
ATOM   246 C  CB    . VAL A 1 34 ? -9.057  7.139   -0.648  1.00 17.92 ? 34   VAL A CB    1 
ATOM   247 C  CG1   . VAL A 1 34 ? -7.866  6.730   0.255   1.00 19.01 ? 34   VAL A CG1   1 
ATOM   248 C  CG2   . VAL A 1 34 ? -9.431  5.996   -1.601  1.00 18.38 ? 34   VAL A CG2   1 
ATOM   249 N  N     . VAL A 1 35 ? -9.941  8.083   2.573   1.00 15.98 ? 35   VAL A N     1 
ATOM   250 C  CA    . VAL A 1 35 ? -9.731  9.017   3.690   1.00 17.05 ? 35   VAL A CA    1 
ATOM   251 C  C     . VAL A 1 35 ? -8.481  8.811   4.539   1.00 16.47 ? 35   VAL A C     1 
ATOM   252 O  O     . VAL A 1 35 ? -7.903  9.775   5.033   1.00 17.05 ? 35   VAL A O     1 
ATOM   253 C  CB    . VAL A 1 35 ? -10.988 9.181   4.593   1.00 17.14 ? 35   VAL A CB    1 
ATOM   254 C  CG1   . VAL A 1 35 ? -12.042 10.009  3.855   1.00 19.27 ? 35   VAL A CG1   1 
ATOM   255 C  CG2   . VAL A 1 35 ? -11.548 7.816   4.956   1.00 18.67 ? 35   VAL A CG2   1 
ATOM   256 N  N     . TRP A 1 36 ? -8.048  7.565   4.719   1.00 15.21 ? 36   TRP A N     1 
ATOM   257 C  CA    . TRP A 1 36 ? -6.803  7.312   5.483   1.00 14.79 ? 36   TRP A CA    1 
ATOM   258 C  C     . TRP A 1 36 ? -6.274  5.916   5.217   1.00 14.49 ? 36   TRP A C     1 
ATOM   259 O  O     . TRP A 1 36 ? -6.969  5.093   4.585   1.00 14.61 ? 36   TRP A O     1 
ATOM   260 C  CB    . TRP A 1 36 ? -6.992  7.533   6.999   1.00 15.88 ? 36   TRP A CB    1 
ATOM   261 C  CG    . TRP A 1 36 ? -7.686  6.397   7.787   1.00 15.36 ? 36   TRP A CG    1 
ATOM   262 C  CD1   . TRP A 1 36 ? -7.084  5.285   8.321   1.00 17.44 ? 36   TRP A CD1   1 
ATOM   263 C  CD2   . TRP A 1 36 ? -9.080  6.314   8.138   1.00 16.49 ? 36   TRP A CD2   1 
ATOM   264 N  NE1   . TRP A 1 36 ? -8.040  4.504   8.997   1.00 18.03 ? 36   TRP A NE1   1 
ATOM   265 C  CE2   . TRP A 1 36 ? -9.264  5.122   8.891   1.00 18.73 ? 36   TRP A CE2   1 
ATOM   266 C  CE3   . TRP A 1 36 ? -10.183 7.146   7.913   1.00 18.71 ? 36   TRP A CE3   1 
ATOM   267 C  CZ2   . TRP A 1 36 ? -10.520 4.729   9.384   1.00 20.17 ? 36   TRP A CZ2   1 
ATOM   268 C  CZ3   . TRP A 1 36 ? -11.443 6.740   8.406   1.00 20.38 ? 36   TRP A CZ3   1 
ATOM   269 C  CH2   . TRP A 1 36 ? -11.591 5.554   9.130   1.00 20.27 ? 36   TRP A CH2   1 
ATOM   270 N  N     . ALA A 1 37 ? -5.031  5.657   5.661   1.00 12.06 ? 37   ALA A N     1 
ATOM   271 C  CA    . ALA A 1 37 ? -4.427  4.314   5.557   1.00 12.40 ? 37   ALA A CA    1 
ATOM   272 C  C     . ALA A 1 37 ? -3.722  3.999   6.887   1.00 11.84 ? 37   ALA A C     1 
ATOM   273 O  O     . ALA A 1 37 ? -3.141  4.900   7.526   1.00 13.70 ? 37   ALA A O     1 
ATOM   274 C  CB    . ALA A 1 37 ? -3.439  4.230   4.379   1.00 13.30 ? 37   ALA A CB    1 
ATOM   275 N  N     . GLU A 1 38 ? -3.796  2.736   7.315   1.00 12.43 ? 38   GLU A N     1 
ATOM   276 C  CA    . GLU A 1 38 ? -3.067  2.242   8.504   1.00 12.79 ? 38   GLU A CA    1 
ATOM   277 C  C     . GLU A 1 38 ? -2.046  1.213   8.071   1.00 12.81 ? 38   GLU A C     1 
ATOM   278 O  O     . GLU A 1 38 ? -2.394  0.253   7.388   1.00 12.46 ? 38   GLU A O     1 
ATOM   279 C  CB    . GLU A 1 38 ? -4.073  1.571   9.482   1.00 13.65 ? 38   GLU A CB    1 
ATOM   280 C  CG    . GLU A 1 38 ? -5.212  2.526   9.841   1.00 18.39 ? 38   GLU A CG    1 
ATOM   281 C  CD    . GLU A 1 38 ? -6.251  1.939   10.812  1.00 25.76 ? 38   GLU A CD    1 
ATOM   282 O  OE1   . GLU A 1 38 ? -5.888  1.062   11.636  1.00 27.73 ? 38   GLU A OE1   1 
ATOM   283 O  OE2   . GLU A 1 38 ? -7.429  2.359   10.739  1.00 24.56 ? 38   GLU A OE2   1 
ATOM   284 N  N     . VAL A 1 39 ? -0.785  1.387   8.462   1.00 12.75 ? 39   VAL A N     1 
ATOM   285 C  CA    . VAL A 1 39 ? 0.215   0.376   8.136   1.00 12.44 ? 39   VAL A CA    1 
ATOM   286 C  C     . VAL A 1 39 ? 0.013   -0.844  9.033   1.00 12.48 ? 39   VAL A C     1 
ATOM   287 O  O     . VAL A 1 39 ? -0.072  -0.713  10.278  1.00 13.48 ? 39   VAL A O     1 
ATOM   288 C  CB    . VAL A 1 39 ? 1.617   0.916   8.397   1.00 11.18 ? 39   VAL A CB    1 
ATOM   289 C  CG1   . VAL A 1 39 ? 2.659   -0.177  8.170   1.00 12.54 ? 39   VAL A CG1   1 
ATOM   290 C  CG2   . VAL A 1 39 ? 1.869   2.133   7.475   1.00 15.06 ? 39   VAL A CG2   1 
ATOM   291 N  N     . VAL A 1 40 ? -0.045  -2.017  8.405   1.00 12.61 ? 40   VAL A N     1 
ATOM   292 C  CA    . VAL A 1 40 ? -0.190  -3.244  9.170   1.00 14.00 ? 40   VAL A CA    1 
ATOM   293 C  C     . VAL A 1 40 ? 0.957   -4.227  9.018   1.00 15.05 ? 40   VAL A C     1 
ATOM   294 O  O     . VAL A 1 40 ? 1.014   -5.215  9.800   1.00 16.95 ? 40   VAL A O     1 
ATOM   295 C  CB    . VAL A 1 40 ? -1.570  -3.920  8.948   1.00 15.29 ? 40   VAL A CB    1 
ATOM   296 C  CG1   . VAL A 1 40 ? -2.684  -2.983  9.392   1.00 16.32 ? 40   VAL A CG1   1 
ATOM   297 C  CG2   . VAL A 1 40 ? -1.744  -4.324  7.496   1.00 16.36 ? 40   VAL A CG2   1 
ATOM   298 N  N     . ASP A 1 41 ? 1.859   -4.033  8.046   1.00 14.31 ? 41   ASP A N     1 
ATOM   299 C  CA    . ASP A 1 41 ? 3.022   -4.946  7.909   1.00 14.87 ? 41   ASP A CA    1 
ATOM   300 C  C     . ASP A 1 41 ? 4.016   -4.284  6.959   1.00 13.70 ? 41   ASP A C     1 
ATOM   301 O  O     . ASP A 1 41 ? 3.620   -3.465  6.115   1.00 13.66 ? 41   ASP A O     1 
ATOM   302 C  CB    . ASP A 1 41 ? 2.612   -6.302  7.295   1.00 15.25 ? 41   ASP A CB    1 
ATOM   303 C  CG    . ASP A 1 41 ? 3.396   -7.448  7.848   1.00 23.85 ? 41   ASP A CG    1 
ATOM   304 O  OD1   . ASP A 1 41 ? 4.362   -7.212  8.612   1.00 29.90 ? 41   ASP A OD1   1 
ATOM   305 O  OD2   . ASP A 1 41 ? 3.032   -8.613  7.514   1.00 28.88 ? 41   ASP A OD2   1 
ATOM   306 N  N     . GLN A 1 42 ? 5.291   -4.659  7.104   1.00 13.04 ? 42   GLN A N     1 
ATOM   307 C  CA    . GLN A 1 42 ? 6.340   -4.197  6.151   1.00 12.95 ? 42   GLN A CA    1 
ATOM   308 C  C     . GLN A 1 42 ? 7.283   -5.345  5.919   1.00 12.81 ? 42   GLN A C     1 
ATOM   309 O  O     . GLN A 1 42 ? 7.562   -6.123  6.850   1.00 13.18 ? 42   GLN A O     1 
ATOM   310 C  CB    . GLN A 1 42 ? 7.137   -3.012  6.720   1.00 13.49 ? 42   GLN A CB    1 
ATOM   311 C  CG    . GLN A 1 42 ? 6.309   -1.721  6.739   1.00 15.66 ? 42   GLN A CG    1 
ATOM   312 C  CD    . GLN A 1 42 ? 6.951   -0.578  7.479   1.00 21.21 ? 42   GLN A CD    1 
ATOM   313 O  OE1   . GLN A 1 42 ? 7.350   -0.715  8.630   1.00 28.23 ? 42   GLN A OE1   1 
ATOM   314 N  NE2   . GLN A 1 42 ? 6.939   0.582   6.867   1.00 21.74 ? 42   GLN A NE2   1 
ATOM   315 N  N     . GLY A 1 43 ? 7.852   -5.412  4.712   1.00 12.80 ? 43   GLY A N     1 
ATOM   316 C  CA    . GLY A 1 43 ? 8.804   -6.502  4.451   1.00 13.35 ? 43   GLY A CA    1 
ATOM   317 C  C     . GLY A 1 43 ? 9.628   -6.147  3.218   1.00 13.39 ? 43   GLY A C     1 
ATOM   318 O  O     . GLY A 1 43 ? 9.459   -5.065  2.636   1.00 13.57 ? 43   GLY A O     1 
ATOM   319 N  N     . VAL A 1 44 ? 10.524  -7.052  2.856   1.00 12.96 ? 44   VAL A N     1 
ATOM   320 C  CA    . VAL A 1 44 ? 11.460  -6.818  1.726   1.00 13.39 ? 44   VAL A CA    1 
ATOM   321 C  C     . VAL A 1 44 ? 11.590  -8.102  0.916   1.00 14.66 ? 44   VAL A C     1 
ATOM   322 O  O     . VAL A 1 44 ? 11.914  -9.169  1.464   1.00 14.16 ? 44   VAL A O     1 
ATOM   323 C  CB    . VAL A 1 44 ? 12.892  -6.404  2.241   1.00 13.27 ? 44   VAL A CB    1 
ATOM   324 C  CG1   . VAL A 1 44 ? 13.775  -5.959  1.055   1.00 14.07 ? 44   VAL A CG1   1 
ATOM   325 C  CG2   . VAL A 1 44 ? 12.817  -5.263  3.284   1.00 13.55 ? 44   VAL A CG2   1 
ATOM   326 N  N     . ALA A 1 45 ? 11.307  -8.004  -0.392  1.00 14.97 ? 45   ALA A N     1 
ATOM   327 C  CA    . ALA A 1 45 ? 11.500  -9.085  -1.372  1.00 16.57 ? 45   ALA A CA    1 
ATOM   328 C  C     . ALA A 1 45 ? 12.941  -9.035  -1.855  1.00 18.16 ? 45   ALA A C     1 
ATOM   329 O  O     . ALA A 1 45 ? 13.470  -7.937  -2.144  1.00 18.35 ? 45   ALA A O     1 
ATOM   330 C  CB    . ALA A 1 45 ? 10.532  -8.879  -2.570  1.00 16.32 ? 45   ALA A CB    1 
ATOM   331 N  N     . ILE A 1 46 ? 13.602  -10.200 -1.894  1.00 20.34 ? 46   ILE A N     1 
ATOM   332 C  CA    . ILE A 1 46 ? 15.022  -10.285 -2.224  1.00 23.35 ? 46   ILE A CA    1 
ATOM   333 C  C     . ILE A 1 46 ? 15.222  -11.385 -3.275  1.00 26.80 ? 46   ILE A C     1 
ATOM   334 O  O     . ILE A 1 46 ? 15.753  -11.115 -4.358  1.00 28.27 ? 46   ILE A O     1 
ATOM   335 C  CB    . ILE A 1 46 ? 15.875  -10.558 -0.961  1.00 23.37 ? 46   ILE A CB    1 
ATOM   336 C  CG1   . ILE A 1 46 ? 15.648  -9.471  0.102   1.00 22.79 ? 46   ILE A CG1   1 
ATOM   337 C  CG2   . ILE A 1 46 ? 17.368  -10.664 -1.313  1.00 25.14 ? 46   ILE A CG2   1 
ATOM   338 C  CD1   . ILE A 1 46 ? 16.017  -9.879  1.509   1.00 24.68 ? 46   ILE A CD1   1 
ATOM   339 N  N     . GLY A 1 47 ? 14.739  -12.591 -2.980  1.00 28.07 ? 47   GLY A N     1 
ATOM   340 C  CA    . GLY A 1 47 ? 15.013  -13.781 -3.807  1.00 32.18 ? 47   GLY A CA    1 
ATOM   341 C  C     . GLY A 1 47 ? 14.476  -13.733 -5.228  1.00 34.02 ? 47   GLY A C     1 
ATOM   342 O  O     . GLY A 1 47 ? 15.193  -14.086 -6.173  1.00 35.92 ? 47   GLY A O     1 
ATOM   343 N  N     . ALA A 1 48 ? 13.235  -13.287 -5.389  1.00 35.06 ? 48   ALA A N     1 
ATOM   344 C  CA    . ALA A 1 48 ? 12.543  -13.351 -6.683  1.00 36.42 ? 48   ALA A CA    1 
ATOM   345 C  C     . ALA A 1 48 ? 12.611  -12.075 -7.518  1.00 36.84 ? 48   ALA A C     1 
ATOM   346 O  O     . ALA A 1 48 ? 11.999  -12.015 -8.586  1.00 37.95 ? 48   ALA A O     1 
ATOM   347 C  CB    . ALA A 1 48 ? 11.080  -13.745 -6.485  1.00 36.23 ? 48   ALA A CB    1 
ATOM   348 N  N     . VAL A 1 49 ? 13.344  -11.067 -7.049  1.00 37.10 ? 49   VAL A N     1 
ATOM   349 C  CA    . VAL A 1 49 ? 13.358  -9.762  -7.717  1.00 36.58 ? 49   VAL A CA    1 
ATOM   350 C  C     . VAL A 1 49 ? 14.801  -9.400  -8.102  1.00 37.36 ? 49   VAL A C     1 
ATOM   351 O  O     . VAL A 1 49 ? 15.749  -9.810  -7.426  1.00 37.53 ? 49   VAL A O     1 
ATOM   352 C  CB    . VAL A 1 49 ? 12.737  -8.668  -6.803  1.00 36.58 ? 49   VAL A CB    1 
ATOM   353 C  CG1   . VAL A 1 49 ? 11.215  -8.830  -6.704  1.00 34.54 ? 49   VAL A CG1   1 
ATOM   354 C  CG2   . VAL A 1 49 ? 13.371  -8.723  -5.422  1.00 34.69 ? 49   VAL A CG2   1 
ATOM   355 N  N     . GLU A 1 50 ? 14.981  -8.644  -9.186  1.00 37.47 ? 50   GLU A N     1 
ATOM   356 C  CA    . GLU A 1 50 ? 16.336  -8.268  -9.584  1.00 37.95 ? 50   GLU A CA    1 
ATOM   357 C  C     . GLU A 1 50 ? 16.910  -7.209  -8.652  1.00 36.53 ? 50   GLU A C     1 
ATOM   358 O  O     . GLU A 1 50 ? 18.119  -7.116  -8.450  1.00 37.42 ? 50   GLU A O     1 
ATOM   359 C  CB    . GLU A 1 50 ? 16.385  -7.788  -11.045 1.00 38.87 ? 50   GLU A CB    1 
ATOM   360 C  CG    . GLU A 1 50 ? 15.336  -6.716  -11.416 1.00 44.26 ? 50   GLU A CG    1 
ATOM   361 C  CD    . GLU A 1 50 ? 15.659  -5.989  -12.736 1.00 50.74 ? 50   GLU A CD    1 
ATOM   362 O  OE1   . GLU A 1 50 ? 15.764  -4.726  -12.720 1.00 52.77 ? 50   GLU A OE1   1 
ATOM   363 O  OE2   . GLU A 1 50 ? 15.810  -6.681  -13.779 1.00 52.51 ? 50   GLU A OE2   1 
ATOM   364 N  N     . GLU A 1 51 ? 16.027  -6.406  -8.082  1.00 34.10 ? 51   GLU A N     1 
ATOM   365 C  CA    . GLU A 1 51 ? 16.431  -5.374  -7.162  1.00 31.63 ? 51   GLU A CA    1 
ATOM   366 C  C     . GLU A 1 51 ? 15.601  -5.561  -5.877  1.00 28.30 ? 51   GLU A C     1 
ATOM   367 O  O     . GLU A 1 51 ? 14.435  -5.908  -5.948  1.00 26.85 ? 51   GLU A O     1 
ATOM   368 C  CB    . GLU A 1 51 ? 16.167  -4.005  -7.785  1.00 33.32 ? 51   GLU A CB    1 
ATOM   369 C  CG    . GLU A 1 51 ? 16.298  -2.879  -6.798  1.00 38.03 ? 51   GLU A CG    1 
ATOM   370 C  CD    . GLU A 1 51 ? 16.942  -1.641  -7.380  1.00 43.57 ? 51   GLU A CD    1 
ATOM   371 O  OE1   . GLU A 1 51 ? 16.656  -1.342  -8.567  1.00 49.72 ? 51   GLU A OE1   1 
ATOM   372 O  OE2   . GLU A 1 51 ? 17.711  -0.964  -6.642  1.00 43.84 ? 51   GLU A OE2   1 
ATOM   373 N  N     . ARG A 1 52 ? 16.232  -5.369  -4.724  1.00 24.77 ? 52   ARG A N     1 
ATOM   374 C  CA    . ARG A 1 52 ? 15.536  -5.429  -3.439  1.00 21.69 ? 52   ARG A CA    1 
ATOM   375 C  C     . ARG A 1 52 ? 14.275  -4.582  -3.532  1.00 20.36 ? 52   ARG A C     1 
ATOM   376 O  O     . ARG A 1 52 ? 14.337  -3.416  -3.979  1.00 18.79 ? 52   ARG A O     1 
ATOM   377 C  CB    . ARG A 1 52 ? 16.483  -4.839  -2.403  1.00 22.81 ? 52   ARG A CB    1 
ATOM   378 C  CG    . ARG A 1 52 ? 16.327  -5.296  -1.027  1.00 23.35 ? 52   ARG A CG    1 
ATOM   379 C  CD    . ARG A 1 52 ? 17.528  -4.802  -0.158  1.00 21.65 ? 52   ARG A CD    1 
ATOM   380 N  NE    . ARG A 1 52 ? 18.744  -5.650  -0.154  1.00 20.48 ? 52   ARG A NE    1 
ATOM   381 C  CZ    . ARG A 1 52 ? 19.790  -5.408  0.633   1.00 19.25 ? 52   ARG A CZ    1 
ATOM   382 N  NH1   . ARG A 1 52 ? 19.769  -4.357  1.488   1.00 17.16 ? 52   ARG A NH1   1 
ATOM   383 N  NH2   . ARG A 1 52 ? 20.871  -6.185  0.613   1.00 20.16 ? 52   ARG A NH2   1 
ATOM   384 N  N     . THR A 1 53 ? 13.143  -5.129  -3.085  1.00 17.40 ? 53   THR A N     1 
ATOM   385 C  CA    . THR A 1 53 ? 11.872  -4.428  -3.243  1.00 17.22 ? 53   THR A CA    1 
ATOM   386 C  C     . THR A 1 53 ? 11.185  -4.327  -1.868  1.00 15.95 ? 53   THR A C     1 
ATOM   387 O  O     . THR A 1 53 ? 10.847  -5.354  -1.249  1.00 16.14 ? 53   THR A O     1 
ATOM   388 C  CB    . THR A 1 53 ? 10.980  -5.138  -4.264  1.00 18.22 ? 53   THR A CB    1 
ATOM   389 O  OG1   . THR A 1 53 ? 11.651  -5.118  -5.546  1.00 20.31 ? 53   THR A OG1   1 
ATOM   390 C  CG2   . THR A 1 53 ? 9.613   -4.455  -4.382  1.00 20.77 ? 53   THR A CG2   1 
ATOM   391 N  N     . TYR A 1 54 ? 10.969  -3.093  -1.427  1.00 14.06 ? 54   TYR A N     1 
ATOM   392 C  CA    . TYR A 1 54 ? 10.317  -2.799  -0.121  1.00 13.14 ? 54   TYR A CA    1 
ATOM   393 C  C     . TYR A 1 54 ? 8.820   -2.979  -0.311  1.00 13.63 ? 54   TYR A C     1 
ATOM   394 O  O     . TYR A 1 54 ? 8.250   -2.591  -1.329  1.00 13.78 ? 54   TYR A O     1 
ATOM   395 C  CB    . TYR A 1 54 ? 10.679  -1.364  0.394   1.00 13.83 ? 54   TYR A CB    1 
ATOM   396 C  CG    . TYR A 1 54 ? 12.173  -1.235  0.324   1.00 14.86 ? 54   TYR A CG    1 
ATOM   397 C  CD1   . TYR A 1 54 ? 12.986  -1.820  1.295   1.00 14.85 ? 54   TYR A CD1   1 
ATOM   398 C  CD2   . TYR A 1 54 ? 12.784  -0.642  -0.788  1.00 15.86 ? 54   TYR A CD2   1 
ATOM   399 C  CE1   . TYR A 1 54 ? 14.387  -1.811  1.177   1.00 18.09 ? 54   TYR A CE1   1 
ATOM   400 C  CE2   . TYR A 1 54 ? 14.189  -0.631  -0.917  1.00 18.30 ? 54   TYR A CE2   1 
ATOM   401 C  CZ    . TYR A 1 54 ? 14.969  -1.202  0.068   1.00 19.29 ? 54   TYR A CZ    1 
ATOM   402 O  OH    . TYR A 1 54 ? 16.357  -1.214  -0.087  1.00 19.33 ? 54   TYR A OH    1 
ATOM   403 N  N     . GLN A 1 55 ? 8.163   -3.571  0.686   1.00 13.28 ? 55   GLN A N     1 
ATOM   404 C  CA    . GLN A 1 55 ? 6.712   -3.721  0.609   1.00 13.55 ? 55   GLN A CA    1 
ATOM   405 C  C     . GLN A 1 55 ? 6.093   -3.160  1.893   1.00 12.95 ? 55   GLN A C     1 
ATOM   406 O  O     . GLN A 1 55 ? 6.649   -3.351  2.991   1.00 14.86 ? 55   GLN A O     1 
ATOM   407 C  CB    . GLN A 1 55 ? 6.348   -5.201  0.500   1.00 14.31 ? 55   GLN A CB    1 
ATOM   408 C  CG    . GLN A 1 55 ? 7.003   -5.824  -0.776  1.00 17.65 ? 55   GLN A CG    1 
ATOM   409 C  CD    . GLN A 1 55 ? 6.445   -7.183  -1.075  1.00 21.77 ? 55   GLN A CD    1 
ATOM   410 O  OE1   . GLN A 1 55 ? 5.786   -7.778  -0.218  1.00 24.76 ? 55   GLN A OE1   1 
ATOM   411 N  NE2   . GLN A 1 55 ? 6.744   -7.707  -2.261  1.00 24.68 ? 55   GLN A NE2   1 
ATOM   412 N  N     . THR A 1 56 ? 4.966   -2.477  1.747   1.00 13.00 ? 56   THR A N     1 
ATOM   413 C  CA    . THR A 1 56 ? 4.258   -1.946  2.899   1.00 12.47 ? 56   THR A CA    1 
ATOM   414 C  C     . THR A 1 56 ? 2.797   -2.295  2.710   1.00 13.09 ? 56   THR A C     1 
ATOM   415 O  O     . THR A 1 56 ? 2.173   -1.924  1.690   1.00 12.26 ? 56   THR A O     1 
ATOM   416 C  CB    . THR A 1 56 ? 4.428   -0.409  3.050   1.00 12.55 ? 56   THR A CB    1 
ATOM   417 O  OG1   . THR A 1 56 ? 5.810   -0.084  3.242   1.00 13.36 ? 56   THR A OG1   1 
ATOM   418 C  CG2   . THR A 1 56 ? 3.592   0.071   4.232   1.00 12.66 ? 56   THR A CG2   1 
ATOM   419 N  N     . GLU A 1 57 ? 2.243   -3.039  3.670   1.00 11.57 ? 57   GLU A N     1 
ATOM   420 C  CA    . GLU A 1 57 ? 0.847   -3.450  3.595   1.00 11.67 ? 57   GLU A CA    1 
ATOM   421 C  C     . GLU A 1 57 ? 0.014   -2.451  4.428   1.00 11.28 ? 57   GLU A C     1 
ATOM   422 O  O     . GLU A 1 57 ? 0.395   -2.115  5.560   1.00 11.49 ? 57   GLU A O     1 
ATOM   423 C  CB    . GLU A 1 57 ? 0.714   -4.860  4.181   1.00 12.04 ? 57   GLU A CB    1 
ATOM   424 C  CG    . GLU A 1 57 ? -0.730  -5.382  4.076   1.00 13.03 ? 57   GLU A CG    1 
ATOM   425 C  CD    . GLU A 1 57 ? -0.844  -6.807  4.538   1.00 17.17 ? 57   GLU A CD    1 
ATOM   426 O  OE1   . GLU A 1 57 ? -0.237  -7.160  5.583   1.00 17.87 ? 57   GLU A OE1   1 
ATOM   427 O  OE2   . GLU A 1 57 ? -1.539  -7.591  3.856   1.00 17.56 ? 57   GLU A OE2   1 
ATOM   428 N  N     . VAL A 1 58 ? -1.080  -1.965  3.848   1.00 11.69 ? 58   VAL A N     1 
ATOM   429 C  CA    . VAL A 1 58 ? -1.934  -0.960  4.483   1.00 11.24 ? 58   VAL A CA    1 
ATOM   430 C  C     . VAL A 1 58 ? -3.410  -1.395  4.388   1.00 11.88 ? 58   VAL A C     1 
ATOM   431 O  O     . VAL A 1 58 ? -3.830  -1.967  3.370   1.00 12.27 ? 58   VAL A O     1 
ATOM   432 C  CB    . VAL A 1 58 ? -1.819  0.449   3.804   1.00 12.60 ? 58   VAL A CB    1 
ATOM   433 C  CG1   . VAL A 1 58 ? -0.589  1.189   4.367   1.00 13.77 ? 58   VAL A CG1   1 
ATOM   434 C  CG2   . VAL A 1 58 ? -1.770  0.318   2.266   1.00 13.00 ? 58   VAL A CG2   1 
ATOM   435 N  N     . GLN A 1 59 ? -4.177  -1.100  5.446   1.00 11.72 ? 59   GLN A N     1 
ATOM   436 C  CA    . GLN A 1 59 ? -5.643  -1.078  5.332   1.00 11.61 ? 59   GLN A CA    1 
ATOM   437 C  C     . GLN A 1 59 ? -5.956  0.323   4.832   1.00 12.27 ? 59   GLN A C     1 
ATOM   438 O  O     . GLN A 1 59 ? -5.601  1.318   5.474   1.00 14.59 ? 59   GLN A O     1 
ATOM   439 C  CB    . GLN A 1 59 ? -6.264  -1.294  6.708   1.00 12.56 ? 59   GLN A CB    1 
ATOM   440 C  CG    . GLN A 1 59 ? -6.013  -2.720  7.236   1.00 12.26 ? 59   GLN A CG    1 
ATOM   441 C  CD    . GLN A 1 59 ? -7.018  -3.742  6.699   1.00 13.26 ? 59   GLN A CD    1 
ATOM   442 O  OE1   . GLN A 1 59 ? -7.719  -3.501  5.697   1.00 12.96 ? 59   GLN A OE1   1 
ATOM   443 N  NE2   . GLN A 1 59 ? -7.079  -4.905  7.361   1.00 14.32 ? 59   GLN A NE2   1 
ATOM   444 N  N     . VAL A 1 60 ? -6.552  0.430   3.646   1.00 12.06 ? 60   VAL A N     1 
ATOM   445 C  CA    . VAL A 1 60 ? -6.902  1.750   3.102   1.00 12.74 ? 60   VAL A CA    1 
ATOM   446 C  C     . VAL A 1 60 ? -8.406  1.938   3.296   1.00 13.09 ? 60   VAL A C     1 
ATOM   447 O  O     . VAL A 1 60 ? -9.203  1.120   2.813   1.00 13.47 ? 60   VAL A O     1 
ATOM   448 C  CB    . VAL A 1 60 ? -6.547  1.825   1.583   1.00 12.32 ? 60   VAL A CB    1 
ATOM   449 C  CG1   . VAL A 1 60 ? -6.910  3.243   1.042   1.00 15.00 ? 60   VAL A CG1   1 
ATOM   450 C  CG2   . VAL A 1 60 ? -5.054  1.569   1.401   1.00 14.67 ? 60   VAL A CG2   1 
ATOM   451 N  N     . ALA A 1 61 ? -8.777  2.976   4.069   1.00 13.61 ? 61   ALA A N     1 
ATOM   452 C  CA    . ALA A 1 61 ? -10.169 3.265   4.450   1.00 14.00 ? 61   ALA A CA    1 
ATOM   453 C  C     . ALA A 1 61 ? -10.770 4.282   3.463   1.00 14.25 ? 61   ALA A C     1 
ATOM   454 O  O     . ALA A 1 61 ? -10.137 5.275   3.112   1.00 14.47 ? 61   ALA A O     1 
ATOM   455 C  CB    . ALA A 1 61 ? -10.217 3.865   5.861   1.00 13.21 ? 61   ALA A CB    1 
ATOM   456 N  N     . PHE A 1 62 ? -11.998 4.013   3.051   1.00 14.82 ? 62   PHE A N     1 
ATOM   457 C  CA    . PHE A 1 62 ? -12.742 4.950   2.197   1.00 16.69 ? 62   PHE A CA    1 
ATOM   458 C  C     . PHE A 1 62 ? -14.180 5.083   2.721   1.00 17.42 ? 62   PHE A C     1 
ATOM   459 O  O     . PHE A 1 62 ? -14.725 4.171   3.345   1.00 15.75 ? 62   PHE A O     1 
ATOM   460 C  CB    . PHE A 1 62 ? -12.687 4.536   0.711   1.00 17.12 ? 62   PHE A CB    1 
ATOM   461 C  CG    . PHE A 1 62 ? -13.155 3.127   0.422   1.00 17.52 ? 62   PHE A CG    1 
ATOM   462 C  CD1   . PHE A 1 62 ? -14.384 2.898   -0.171  1.00 20.13 ? 62   PHE A CD1   1 
ATOM   463 C  CD2   . PHE A 1 62 ? -12.322 2.041   0.695   1.00 19.04 ? 62   PHE A CD2   1 
ATOM   464 C  CE1   . PHE A 1 62 ? -14.798 1.570   -0.456  1.00 18.73 ? 62   PHE A CE1   1 
ATOM   465 C  CE2   . PHE A 1 62 ? -12.721 0.745   0.407   1.00 21.65 ? 62   PHE A CE2   1 
ATOM   466 C  CZ    . PHE A 1 62 ? -13.956 0.524   -0.190  1.00 19.56 ? 62   PHE A CZ    1 
ATOM   467 N  N     . GLU A 1 63 ? -14.775 6.257   2.514   1.00 18.27 ? 63   GLU A N     1 
ATOM   468 C  CA    . GLU A 1 63 ? -16.133 6.495   3.008   1.00 20.29 ? 63   GLU A CA    1 
ATOM   469 C  C     . GLU A 1 63 ? -17.174 6.040   1.992   1.00 21.62 ? 63   GLU A C     1 
ATOM   470 O  O     . GLU A 1 63 ? -17.075 6.360   0.795   1.00 22.10 ? 63   GLU A O     1 
ATOM   471 C  CB    . GLU A 1 63 ? -16.310 7.965   3.369   1.00 21.12 ? 63   GLU A CB    1 
ATOM   472 C  CG    . GLU A 1 63 ? -17.631 8.203   4.104   1.00 26.56 ? 63   GLU A CG    1 
ATOM   473 C  CD    . GLU A 1 63 ? -17.631 9.467   4.936   1.00 33.76 ? 63   GLU A CD    1 
ATOM   474 O  OE1   . GLU A 1 63 ? -16.883 10.413  4.591   1.00 35.58 ? 63   GLU A OE1   1 
ATOM   475 O  OE2   . GLU A 1 63 ? -18.386 9.512   5.947   1.00 35.16 ? 63   GLU A OE2   1 
ATOM   476 N  N     . LEU A 1 64 ? -18.162 5.270   2.450   1.00 21.51 ? 64   LEU A N     1 
ATOM   477 C  CA    . LEU A 1 64 ? -19.175 4.712   1.559   1.00 23.09 ? 64   LEU A CA    1 
ATOM   478 C  C     . LEU A 1 64 ? -20.271 5.758   1.287   1.00 24.24 ? 64   LEU A C     1 
ATOM   479 O  O     . LEU A 1 64 ? -20.482 6.647   2.119   1.00 25.43 ? 64   LEU A O     1 
ATOM   480 C  CB    . LEU A 1 64 ? -19.803 3.476   2.199   1.00 22.83 ? 64   LEU A CB    1 
ATOM   481 C  CG    . LEU A 1 64 ? -18.883 2.264   2.352   1.00 22.41 ? 64   LEU A CG    1 
ATOM   482 C  CD1   . LEU A 1 64 ? -19.631 1.045   2.905   1.00 24.27 ? 64   LEU A CD1   1 
ATOM   483 C  CD2   . LEU A 1 64 ? -18.279 1.906   1.005   1.00 25.90 ? 64   LEU A CD2   1 
HETATM 484 N  N1    . RBF B 2 .  ? -11.489 9.127   11.173  1.00 27.26 ? 1064 RBF A N1    1 
HETATM 485 C  C2    . RBF B 2 .  ? -12.524 8.439   11.694  1.00 26.66 ? 1064 RBF A C2    1 
HETATM 486 O  O2    . RBF B 2 .  ? -13.671 8.989   11.674  1.00 29.49 ? 1064 RBF A O2    1 
HETATM 487 N  N3    . RBF B 2 .  ? -12.360 7.206   12.215  1.00 25.27 ? 1064 RBF A N3    1 
HETATM 488 C  C4    . RBF B 2 .  ? -11.198 6.567   12.300  1.00 24.97 ? 1064 RBF A C4    1 
HETATM 489 O  O4    . RBF B 2 .  ? -11.106 5.410   12.804  1.00 25.79 ? 1064 RBF A O4    1 
HETATM 490 C  C4A   . RBF B 2 .  ? -10.006 7.248   11.744  1.00 25.46 ? 1064 RBF A C4A   1 
HETATM 491 N  N5    . RBF B 2 .  ? -8.792  6.673   11.761  1.00 27.44 ? 1064 RBF A N5    1 
HETATM 492 C  C5A   . RBF B 2 .  ? -7.741  7.357   11.244  1.00 25.53 ? 1064 RBF A C5A   1 
HETATM 493 C  C6    . RBF B 2 .  ? -6.491  6.767   11.285  1.00 26.98 ? 1064 RBF A C6    1 
HETATM 494 C  C7    . RBF B 2 .  ? -5.393  7.438   10.741  1.00 24.58 ? 1064 RBF A C7    1 
HETATM 495 C  C7M   . RBF B 2 .  ? -4.044  6.752   10.779  1.00 26.27 ? 1064 RBF A C7M   1 
HETATM 496 C  C8    . RBF B 2 .  ? -5.560  8.792   10.154  1.00 24.91 ? 1064 RBF A C8    1 
HETATM 497 C  C8M   . RBF B 2 .  ? -4.359  9.515   9.590   1.00 26.61 ? 1064 RBF A C8M   1 
HETATM 498 C  C9    . RBF B 2 .  ? -6.811  9.404   10.129  1.00 26.68 ? 1064 RBF A C9    1 
HETATM 499 C  C9A   . RBF B 2 .  ? -7.903  8.713   10.664  1.00 26.20 ? 1064 RBF A C9A   1 
HETATM 500 N  N10   . RBF B 2 .  ? -9.185  9.311   10.635  1.00 29.16 ? 1064 RBF A N10   1 
HETATM 501 C  C10   . RBF B 2 .  ? -10.238 8.588   11.172  1.00 25.84 ? 1064 RBF A C10   1 
HETATM 502 C  "C1'" . RBF B 2 .  ? -9.438  10.656  10.071  1.00 30.80 ? 1064 RBF A "C1'" 1 
HETATM 503 C  "C2'" . RBF B 2 .  ? -10.155 10.620  8.718   1.00 34.73 ? 1064 RBF A "C2'" 1 
HETATM 504 O  "O2'" . RBF B 2 .  ? -9.191  10.256  7.721   1.00 32.25 ? 1064 RBF A "O2'" 1 
HETATM 505 C  "C3'" . RBF B 2 .  ? -10.782 11.973  8.345   1.00 38.24 ? 1064 RBF A "C3'" 1 
HETATM 506 O  "O3'" . RBF B 2 .  ? -9.831  13.023  8.585   1.00 41.72 ? 1064 RBF A "O3'" 1 
HETATM 507 C  "C4'" . RBF B 2 .  ? -12.064 12.302  9.119   1.00 40.80 ? 1064 RBF A "C4'" 1 
HETATM 508 O  "O4'" . RBF B 2 .  ? -11.777 12.437  10.513  1.00 43.50 ? 1064 RBF A "O4'" 1 
HETATM 509 C  "C5'" . RBF B 2 .  ? -13.166 11.258  8.885   1.00 42.13 ? 1064 RBF A "C5'" 1 
HETATM 510 O  "O5'" . RBF B 2 .  ? -13.347 11.158  7.468   1.00 45.04 ? 1064 RBF A "O5'" 1 
HETATM 511 NA NA    . NA  C 3 .  ? 16.115  2.681   -7.853  1.00 23.69 ? 1065 NA  A NA    1 
HETATM 512 NA NA    . NA  D 3 .  ? 11.179  -12.429 -2.922  1.00 27.54 ? 1066 NA  A NA    1 
HETATM 513 NA NA    . NA  E 3 .  ? -10.079 -7.449  4.846   0.33 14.78 ? 1067 NA  A NA    1 
HETATM 514 CL CL    . CL  F 4 .  ? -8.707  -7.774  7.166   0.33 14.94 ? 1068 CL  A CL    1 
HETATM 515 CL CL    . CL  G 4 .  ? -11.469 -7.122  2.498   0.33 32.44 ? 1069 CL  A CL    1 
HETATM 516 CL CL    . CL  H 4 .  ? 12.164  5.213   5.304   0.33 13.75 ? 1070 CL  A CL    1 
HETATM 517 NA NA    . NA  I 3 .  ? -8.996  1.741   14.449  1.00 41.43 ? 1071 NA  A NA    1 
HETATM 518 O  O     . HOH J 5 .  ? -18.649 7.332   7.678   1.00 31.16 ? 2001 HOH A O     1 
HETATM 519 O  O     . HOH J 5 .  ? -21.731 5.859   4.535   1.00 33.31 ? 2002 HOH A O     1 
HETATM 520 O  O     . HOH J 5 .  ? -20.151 -2.614  1.118   1.00 44.38 ? 2003 HOH A O     1 
HETATM 521 O  O     . HOH J 5 .  ? -14.119 -5.606  0.372   1.00 38.09 ? 2004 HOH A O     1 
HETATM 522 O  O     . HOH J 5 .  ? -19.343 -1.357  -0.546  1.00 49.34 ? 2005 HOH A O     1 
HETATM 523 O  O     . HOH J 5 .  ? -19.535 -4.671  0.863   1.00 38.52 ? 2006 HOH A O     1 
HETATM 524 O  O     . HOH J 5 .  ? -13.348 -5.184  3.323   1.00 17.00 ? 2007 HOH A O     1 
HETATM 525 O  O     . HOH J 5 .  ? 3.783   -1.941  -9.215  1.00 32.14 ? 2008 HOH A O     1 
HETATM 526 O  O     . HOH J 5 .  ? 9.022   -6.231  -8.301  1.00 55.16 ? 2009 HOH A O     1 
HETATM 527 O  O     . HOH J 5 .  ? 15.011  10.151  0.777   0.33 47.17 ? 2010 HOH A O     1 
HETATM 528 O  O     . HOH J 5 .  ? -2.371  -7.061  1.128   1.00 17.09 ? 2011 HOH A O     1 
HETATM 529 O  O     . HOH J 5 .  ? 1.658   -8.641  2.162   1.00 24.40 ? 2012 HOH A O     1 
HETATM 530 O  O     . HOH J 5 .  ? 8.196   -2.061  -7.204  1.00 32.20 ? 2013 HOH A O     1 
HETATM 531 O  O     . HOH J 5 .  ? 6.025   -6.447  -7.050  1.00 54.65 ? 2014 HOH A O     1 
HETATM 532 O  O     . HOH J 5 .  ? 6.307   2.264   -6.260  1.00 29.84 ? 2015 HOH A O     1 
HETATM 533 O  O     . HOH J 5 .  ? 5.579   -0.475  -8.088  1.00 45.67 ? 2016 HOH A O     1 
HETATM 534 O  O     . HOH J 5 .  ? 8.738   3.535   -5.784  1.00 31.40 ? 2017 HOH A O     1 
HETATM 535 O  O     . HOH J 5 .  ? 16.778  1.981   -2.773  1.00 45.34 ? 2018 HOH A O     1 
HETATM 536 O  O     . HOH J 5 .  ? 9.898   1.046   -7.807  1.00 35.13 ? 2019 HOH A O     1 
HETATM 537 O  O     . HOH J 5 .  ? 14.881  1.531   -9.104  1.00 27.68 ? 2020 HOH A O     1 
HETATM 538 O  O     . HOH J 5 .  ? 16.019  5.642   -3.031  1.00 40.86 ? 2021 HOH A O     1 
HETATM 539 O  O     . HOH J 5 .  ? 11.719  7.179   -1.328  1.00 19.95 ? 2022 HOH A O     1 
HETATM 540 O  O     . HOH J 5 .  ? 12.672  7.291   3.570   0.33 42.55 ? 2023 HOH A O     1 
HETATM 541 O  O     . HOH J 5 .  ? 3.777   -4.943  12.282  1.00 59.86 ? 2024 HOH A O     1 
HETATM 542 O  O     . HOH J 5 .  ? 5.247   4.969   -4.870  1.00 19.41 ? 2025 HOH A O     1 
HETATM 543 O  O     . HOH J 5 .  ? 6.418   10.189  -0.232  1.00 41.86 ? 2026 HOH A O     1 
HETATM 544 O  O     . HOH J 5 .  ? 5.745   7.761   -3.439  1.00 25.52 ? 2027 HOH A O     1 
HETATM 545 O  O     . HOH J 5 .  ? -0.131  2.131   -7.774  1.00 26.41 ? 2028 HOH A O     1 
HETATM 546 O  O     . HOH J 5 .  ? 3.095   -2.413  -7.099  1.00 23.49 ? 2029 HOH A O     1 
HETATM 547 O  O     . HOH J 5 .  ? 2.956   4.054   -7.559  1.00 37.08 ? 2030 HOH A O     1 
HETATM 548 O  O     . HOH J 5 .  ? 2.375   0.099   -8.988  1.00 34.78 ? 2031 HOH A O     1 
HETATM 549 O  O     . HOH J 5 .  ? -7.406  -7.580  9.875   0.33 23.73 ? 2032 HOH A O     1 
HETATM 550 O  O     . HOH J 5 .  ? 3.303   7.508   -5.128  1.00 24.22 ? 2033 HOH A O     1 
HETATM 551 O  O     . HOH J 5 .  ? -3.811  7.257   -8.090  1.00 42.54 ? 2034 HOH A O     1 
HETATM 552 O  O     . HOH J 5 .  ? -3.560  11.340  -1.465  1.00 26.06 ? 2035 HOH A O     1 
HETATM 553 O  O     . HOH J 5 .  ? -3.440  9.149   -6.574  1.00 39.76 ? 2036 HOH A O     1 
HETATM 554 O  O     . HOH J 5 .  ? -8.308  10.601  -1.532  1.00 35.78 ? 2037 HOH A O     1 
HETATM 555 O  O     . HOH J 5 .  ? -1.947  3.430   -9.440  1.00 43.83 ? 2038 HOH A O     1 
HETATM 556 O  O     . HOH J 5 .  ? -13.752 3.442   -10.900 1.00 59.15 ? 2039 HOH A O     1 
HETATM 557 O  O     . HOH J 5 .  ? -10.462 8.368   -5.684  1.00 39.76 ? 2040 HOH A O     1 
HETATM 558 O  O     . HOH J 5 .  ? -12.130 6.671   -8.766  1.00 52.23 ? 2041 HOH A O     1 
HETATM 559 O  O     . HOH J 5 .  ? -16.086 4.007   -4.611  1.00 41.18 ? 2042 HOH A O     1 
HETATM 560 O  O     . HOH J 5 .  ? -12.948 11.001  -3.970  1.00 53.06 ? 2043 HOH A O     1 
HETATM 561 O  O     . HOH J 5 .  ? -10.200 9.230   -3.238  1.00 34.40 ? 2044 HOH A O     1 
HETATM 562 O  O     . HOH J 5 .  ? -11.421 11.930  0.451   1.00 43.19 ? 2045 HOH A O     1 
HETATM 563 O  O     . HOH J 5 .  ? -8.720  3.484   12.826  1.00 38.33 ? 2046 HOH A O     1 
HETATM 564 O  O     . HOH J 5 .  ? -6.855  -1.412  10.289  1.00 30.89 ? 2047 HOH A O     1 
HETATM 565 O  O     . HOH J 5 .  ? 1.272   0.278   12.262  1.00 39.16 ? 2048 HOH A O     1 
HETATM 566 O  O     . HOH J 5 .  ? 6.335   -8.553  9.627   1.00 40.19 ? 2049 HOH A O     1 
HETATM 567 O  O     . HOH J 5 .  ? 5.251   -2.691  10.378  1.00 37.23 ? 2050 HOH A O     1 
HETATM 568 O  O     . HOH J 5 .  ? 8.344   2.681   7.947   0.33 13.62 ? 2051 HOH A O     1 
HETATM 569 O  O     . HOH J 5 .  ? 6.480   -8.767  6.511   1.00 31.89 ? 2052 HOH A O     1 
HETATM 570 O  O     . HOH J 5 .  ? 18.203  -10.853 -6.179  1.00 67.68 ? 2053 HOH A O     1 
HETATM 571 O  O     . HOH J 5 .  ? 12.830  -8.521  -10.989 1.00 47.24 ? 2054 HOH A O     1 
HETATM 572 O  O     . HOH J 5 .  ? 17.933  -2.882  -13.781 1.00 57.72 ? 2055 HOH A O     1 
HETATM 573 O  O     . HOH J 5 .  ? 16.260  1.099   -6.352  1.00 25.26 ? 2056 HOH A O     1 
HETATM 574 O  O     . HOH J 5 .  ? 16.229  -1.465  -4.175  1.00 28.82 ? 2057 HOH A O     1 
HETATM 575 O  O     . HOH J 5 .  ? 19.159  -4.624  -5.080  1.00 36.95 ? 2058 HOH A O     1 
HETATM 576 O  O     . HOH J 5 .  ? 20.465  -3.190  -2.198  1.00 33.44 ? 2059 HOH A O     1 
HETATM 577 O  O     . HOH J 5 .  ? 17.678  -8.346  -4.437  1.00 48.52 ? 2060 HOH A O     1 
HETATM 578 O  O     . HOH J 5 .  ? 10.987  -4.567  -8.012  1.00 39.96 ? 2061 HOH A O     1 
HETATM 579 O  O     . HOH J 5 .  ? 17.928  -0.913  -2.162  1.00 35.14 ? 2062 HOH A O     1 
HETATM 580 O  O     . HOH J 5 .  ? 7.769   -7.256  -5.210  1.00 34.55 ? 2063 HOH A O     1 
HETATM 581 O  O     . HOH J 5 .  ? -0.364  -8.806  7.215   1.00 30.91 ? 2064 HOH A O     1 
HETATM 582 O  O     . HOH J 5 .  ? -9.679  -5.136  4.612   1.00 15.11 ? 2065 HOH A O     1 
HETATM 583 O  O     . HOH J 5 .  ? -5.249  -5.873  9.689   1.00 38.28 ? 2066 HOH A O     1 
HETATM 584 O  O     . HOH J 5 .  ? -6.585  -4.077  10.694  1.00 41.64 ? 2067 HOH A O     1 
HETATM 585 O  O     . HOH J 5 .  ? -22.139 6.986   -0.384  1.00 54.03 ? 2068 HOH A O     1 
HETATM 586 O  O     . HOH J 5 .  ? -14.121 12.209  11.997  1.00 48.06 ? 2069 HOH A O     1 
HETATM 587 O  O     . HOH J 5 .  ? -12.366 13.548  5.024   1.00 45.78 ? 2070 HOH A O     1 
HETATM 588 O  O     . HOH J 5 .  ? -11.025 15.684  9.814   0.50 84.50 ? 2071 HOH A O     1 
# 
loop_
_pdbx_poly_seq_scheme.asym_id 
_pdbx_poly_seq_scheme.entity_id 
_pdbx_poly_seq_scheme.seq_id 
_pdbx_poly_seq_scheme.mon_id 
_pdbx_poly_seq_scheme.ndb_seq_num 
_pdbx_poly_seq_scheme.pdb_seq_num 
_pdbx_poly_seq_scheme.auth_seq_num 
_pdbx_poly_seq_scheme.pdb_mon_id 
_pdbx_poly_seq_scheme.auth_mon_id 
_pdbx_poly_seq_scheme.pdb_strand_id 
_pdbx_poly_seq_scheme.pdb_ins_code 
_pdbx_poly_seq_scheme.hetero 
A 1 1  MET 1  1  ?  ?   ?   A . n 
A 1 2  VAL 2  2  2  VAL VAL A . n 
A 1 3  PHE 3  3  3  PHE PHE A . n 
A 1 4  LYS 4  4  4  LYS LYS A . n 
A 1 5  LYS 5  5  5  LYS LYS A . n 
A 1 6  VAL 6  6  6  VAL VAL A . n 
A 1 7  LEU 7  7  7  LEU LEU A . n 
A 1 8  LEU 8  8  8  LEU LEU A . n 
A 1 9  THR 9  9  9  THR THR A . n 
A 1 10 GLY 10 10 10 GLY GLY A . n 
A 1 11 THR 11 11 11 THR THR A . n 
A 1 12 SER 12 12 12 SER SER A . n 
A 1 13 GLU 13 13 13 GLU GLU A . n 
A 1 14 GLU 14 14 14 GLU GLU A . n 
A 1 15 SER 15 15 15 SER SER A . n 
A 1 16 PHE 16 16 16 PHE PHE A . n 
A 1 17 THR 17 17 17 THR THR A . n 
A 1 18 ALA 18 18 18 ALA ALA A . n 
A 1 19 ALA 19 19 19 ALA ALA A . n 
A 1 20 ALA 20 20 20 ALA ALA A . n 
A 1 21 ASP 21 21 21 ASP ASP A . n 
A 1 22 ASP 22 22 22 ASP ASP A . n 
A 1 23 ALA 23 23 23 ALA ALA A . n 
A 1 24 ILE 24 24 24 ILE ILE A . n 
A 1 25 ASP 25 25 25 ASP ASP A . n 
A 1 26 ARG 26 26 26 ARG ARG A . n 
A 1 27 ALA 27 27 27 ALA ALA A . n 
A 1 28 GLU 28 28 28 GLU GLU A . n 
A 1 29 ASP 29 29 29 ASP ASP A . n 
A 1 30 THR 30 30 30 THR THR A . n 
A 1 31 LEU 31 31 31 LEU LEU A . n 
A 1 32 ASP 32 32 32 ASP ASP A . n 
A 1 33 ASN 33 33 33 ASN ASN A . n 
A 1 34 VAL 34 34 34 VAL VAL A . n 
A 1 35 VAL 35 35 35 VAL VAL A . n 
A 1 36 TRP 36 36 36 TRP TRP A . n 
A 1 37 ALA 37 37 37 ALA ALA A . n 
A 1 38 GLU 38 38 38 GLU GLU A . n 
A 1 39 VAL 39 39 39 VAL VAL A . n 
A 1 40 VAL 40 40 40 VAL VAL A . n 
A 1 41 ASP 41 41 41 ASP ASP A . n 
A 1 42 GLN 42 42 42 GLN GLN A . n 
A 1 43 GLY 43 43 43 GLY GLY A . n 
A 1 44 VAL 44 44 44 VAL VAL A . n 
A 1 45 ALA 45 45 45 ALA ALA A . n 
A 1 46 ILE 46 46 46 ILE ILE A . n 
A 1 47 GLY 47 47 47 GLY GLY A . n 
A 1 48 ALA 48 48 48 ALA ALA A . n 
A 1 49 VAL 49 49 49 VAL VAL A . n 
A 1 50 GLU 50 50 50 GLU GLU A . n 
A 1 51 GLU 51 51 51 GLU GLU A . n 
A 1 52 ARG 52 52 52 ARG ARG A . n 
A 1 53 THR 53 53 53 THR THR A . n 
A 1 54 TYR 54 54 54 TYR TYR A . n 
A 1 55 GLN 55 55 55 GLN GLN A . n 
A 1 56 THR 56 56 56 THR THR A . n 
A 1 57 GLU 57 57 57 GLU GLU A . n 
A 1 58 VAL 58 58 58 VAL VAL A . n 
A 1 59 GLN 59 59 59 GLN GLN A . n 
A 1 60 VAL 60 60 60 VAL VAL A . n 
A 1 61 ALA 61 61 61 ALA ALA A . n 
A 1 62 PHE 62 62 62 PHE PHE A . n 
A 1 63 GLU 63 63 63 GLU GLU A . n 
A 1 64 LEU 64 64 64 LEU LEU A . n 
A 1 65 ASP 65 65 ?  ?   ?   A . n 
# 
loop_
_pdbx_nonpoly_scheme.asym_id 
_pdbx_nonpoly_scheme.entity_id 
_pdbx_nonpoly_scheme.mon_id 
_pdbx_nonpoly_scheme.ndb_seq_num 
_pdbx_nonpoly_scheme.pdb_seq_num 
_pdbx_nonpoly_scheme.auth_seq_num 
_pdbx_nonpoly_scheme.pdb_mon_id 
_pdbx_nonpoly_scheme.auth_mon_id 
_pdbx_nonpoly_scheme.pdb_strand_id 
_pdbx_nonpoly_scheme.pdb_ins_code 
B 2 RBF 1  1064 1064 RBF RBF A . 
C 3 NA  1  1065 1065 NA  NA  A . 
D 3 NA  1  1066 1066 NA  NA  A . 
E 3 NA  1  1067 1067 NA  NA  A . 
F 4 CL  1  1068 1068 CL  CL  A . 
G 4 CL  1  1069 1069 CL  CL  A . 
H 4 CL  1  1070 1070 CL  CL  A . 
I 3 NA  1  1071 1071 NA  NA  A . 
J 5 HOH 1  2001 2001 HOH HOH A . 
J 5 HOH 2  2002 2002 HOH HOH A . 
J 5 HOH 3  2003 2003 HOH HOH A . 
J 5 HOH 4  2004 2004 HOH HOH A . 
J 5 HOH 5  2005 2005 HOH HOH A . 
J 5 HOH 6  2006 2006 HOH HOH A . 
J 5 HOH 7  2007 2007 HOH HOH A . 
J 5 HOH 8  2008 2008 HOH HOH A . 
J 5 HOH 9  2009 2009 HOH HOH A . 
J 5 HOH 10 2010 2010 HOH HOH A . 
J 5 HOH 11 2011 2011 HOH HOH A . 
J 5 HOH 12 2012 2012 HOH HOH A . 
J 5 HOH 13 2013 2013 HOH HOH A . 
J 5 HOH 14 2014 2014 HOH HOH A . 
J 5 HOH 15 2015 2015 HOH HOH A . 
J 5 HOH 16 2016 2016 HOH HOH A . 
J 5 HOH 17 2017 2017 HOH HOH A . 
J 5 HOH 18 2018 2018 HOH HOH A . 
J 5 HOH 19 2019 2019 HOH HOH A . 
J 5 HOH 20 2020 2020 HOH HOH A . 
J 5 HOH 21 2021 2021 HOH HOH A . 
J 5 HOH 22 2022 2022 HOH HOH A . 
J 5 HOH 23 2023 2023 HOH HOH A . 
J 5 HOH 24 2024 2024 HOH HOH A . 
J 5 HOH 25 2025 2025 HOH HOH A . 
J 5 HOH 26 2026 2026 HOH HOH A . 
J 5 HOH 27 2027 2027 HOH HOH A . 
J 5 HOH 28 2028 2028 HOH HOH A . 
J 5 HOH 29 2029 2029 HOH HOH A . 
J 5 HOH 30 2030 2030 HOH HOH A . 
J 5 HOH 31 2031 2031 HOH HOH A . 
J 5 HOH 32 2032 2032 HOH HOH A . 
J 5 HOH 33 2033 2033 HOH HOH A . 
J 5 HOH 34 2034 2034 HOH HOH A . 
J 5 HOH 35 2035 2035 HOH HOH A . 
J 5 HOH 36 2036 2036 HOH HOH A . 
J 5 HOH 37 2037 2037 HOH HOH A . 
J 5 HOH 38 2038 2038 HOH HOH A . 
J 5 HOH 39 2039 2039 HOH HOH A . 
J 5 HOH 40 2040 2040 HOH HOH A . 
J 5 HOH 41 2041 2041 HOH HOH A . 
J 5 HOH 42 2042 2042 HOH HOH A . 
J 5 HOH 43 2043 2043 HOH HOH A . 
J 5 HOH 44 2044 2044 HOH HOH A . 
J 5 HOH 45 2045 2045 HOH HOH A . 
J 5 HOH 46 2046 2046 HOH HOH A . 
J 5 HOH 47 2047 2047 HOH HOH A . 
J 5 HOH 48 2048 2048 HOH HOH A . 
J 5 HOH 49 2049 2049 HOH HOH A . 
J 5 HOH 50 2050 2050 HOH HOH A . 
J 5 HOH 51 2051 2051 HOH HOH A . 
J 5 HOH 52 2052 2052 HOH HOH A . 
J 5 HOH 53 2053 2053 HOH HOH A . 
J 5 HOH 54 2054 2054 HOH HOH A . 
J 5 HOH 55 2055 2055 HOH HOH A . 
J 5 HOH 56 2056 2056 HOH HOH A . 
J 5 HOH 57 2057 2057 HOH HOH A . 
J 5 HOH 58 2058 2058 HOH HOH A . 
J 5 HOH 59 2059 2059 HOH HOH A . 
J 5 HOH 60 2060 2060 HOH HOH A . 
J 5 HOH 61 2061 2061 HOH HOH A . 
J 5 HOH 62 2062 2062 HOH HOH A . 
J 5 HOH 63 2063 2063 HOH HOH A . 
J 5 HOH 64 2064 2064 HOH HOH A . 
J 5 HOH 65 2065 2065 HOH HOH A . 
J 5 HOH 66 2066 2066 HOH HOH A . 
J 5 HOH 67 2067 2067 HOH HOH A . 
J 5 HOH 68 2068 2068 HOH HOH A . 
J 5 HOH 69 2069 2069 HOH HOH A . 
J 5 HOH 70 2070 2070 HOH HOH A . 
J 5 HOH 71 2071 2071 HOH HOH A . 
# 
_pdbx_struct_assembly.id                   1 
_pdbx_struct_assembly.details              author_and_software_defined_assembly 
_pdbx_struct_assembly.method_details       PISA 
_pdbx_struct_assembly.oligomeric_details   dodecameric 
_pdbx_struct_assembly.oligomeric_count     12 
# 
_pdbx_struct_assembly_gen.assembly_id       1 
_pdbx_struct_assembly_gen.oper_expression   1,2,3,4,5,6,7,8,9,10,11,12 
_pdbx_struct_assembly_gen.asym_id_list      A,B,C,D,E,F,G,H,I,J 
# 
loop_
_pdbx_struct_assembly_prop.biol_id 
_pdbx_struct_assembly_prop.type 
_pdbx_struct_assembly_prop.value 
_pdbx_struct_assembly_prop.details 
1 'ABSA (A^2)' 30120   ? 
1 MORE         -118.84 ? 
1 'SSA (A^2)'  27400   ? 
# 
loop_
_pdbx_struct_oper_list.id 
_pdbx_struct_oper_list.type 
_pdbx_struct_oper_list.name 
_pdbx_struct_oper_list.symmetry_operation 
_pdbx_struct_oper_list.matrix[1][1] 
_pdbx_struct_oper_list.matrix[1][2] 
_pdbx_struct_oper_list.matrix[1][3] 
_pdbx_struct_oper_list.vector[1] 
_pdbx_struct_oper_list.matrix[2][1] 
_pdbx_struct_oper_list.matrix[2][2] 
_pdbx_struct_oper_list.matrix[2][3] 
_pdbx_struct_oper_list.vector[2] 
_pdbx_struct_oper_list.matrix[3][1] 
_pdbx_struct_oper_list.matrix[3][2] 
_pdbx_struct_oper_list.matrix[3][3] 
_pdbx_struct_oper_list.vector[3] 
1  'identity operation'         1_555  x,y,z             1.0000000000  0.0000000000  0.0000000000  0.0000000000   0.0000000000  1.0000000000  0.0000000000  0.0000000000   0.0000000000  0.0000000000  1.0000000000  0.0000000000  
2  'crystal symmetry operation' 34_555 -y+1/2,z,-x+1/2   -0.1184086537 -0.0549308337 -0.9914443980 18.1154910090  0.9898388508  0.0726368070  -0.1222413343 -5.3481417133  0.0787301738  -0.9958446153 0.0457718468  9.6694106506  
3  'crystal symmetry operation' 55_555 -z+1/2,-x+1/2,y   -0.1184086537 0.9898388508  0.0787301738  6.6775549688   -0.0549308337 0.0726368070  -0.9958446153 11.0128014906  -0.9914443980 -0.1222413343 0.0457718468  16.8641513152 
4  'crystal symmetry operation' 11_465 y-1/2,-z+1,-x+1/2 -0.1155415911 0.6494138330  0.7516061564  -10.0468684717 -0.8300016947 -0.4787935606 0.2861012289  -20.7660581639 0.5456622835  -0.5907777923 0.5943351517  3.0642139844  
5  'crystal symmetry operation' 8_556  -z+1/2,x+1/2,-y+1 -0.1155415911 -0.8300016947 0.5456622835  -20.0687206358 0.6494138330  -0.4787935606 -0.5907777923 -1.6078099918  0.7516061564  0.2861012289  0.5943351517  11.6713128727 
6  'crystal symmetry operation' 77_455 z-1/2,x+1/2,y     0.7156702496  -0.6949648005 0.0695702516  -8.3455297618  -0.3531242850 -0.2740977186 0.8945242758  -30.4748603175 -0.6025938376 -0.6647513571 -0.4415725310 21.8555881745 
7  'crystal symmetry operation' 52_566 x,-y+1,-z+1       -0.7649267129 -0.5973367237 0.2409895483  -12.4466139093 -0.5973367237 0.5178720046  -0.6123703335 7.0048231968   0.2409895483  -0.6123703335 -0.7529452917 29.5037881699 
8  'crystal symmetry operation' 26_565 -x,-y+1,z         -0.7671674322 -0.1590735479 -0.6214094764 9.0086617808   -0.1590735479 -0.8913193550 0.4245531931  -26.7564441263 -0.6214094764 0.4245531931  0.6584867872  10.2247432548 
9  'crystal symmetry operation' 84_565 -y+1/2,-z+1,x+1/2 -0.4817200048 -0.2413587142 0.8424320792  -20.7787685461 0.5351276444  0.6802544723  0.5008914625  -12.5071379458 -0.6939627088 0.6920981318  -0.1985344674 29.8639382668 
10 'crystal symmetry operation' 30_456 z-1/2,-x+1/2,-y+1 -0.4817200048 0.5351276444  -0.6939627088 17.4078262777  -0.2413587142 0.6802544723  0.6920981318  -17.1758762196 0.8424320792  0.5008914625  -0.1985344674 29.6984408861 
11 'crystal symmetry operation' 57_455 y-1/2,z,x+1/2     0.7156702496  -0.3531242850 -0.6025938376 8.3812768577   -0.6949648005 -0.2740977186 -0.6647513571 0.3755927848   0.0695702516  0.8945242758  -0.4415725310 37.4919303467 
12 'crystal symmetry operation' 75_556 -x,y,-z+1         0.5320941451  0.7564102716  0.3804199281  -0.8909170225  0.7564102716  -0.6265526496 0.1878171404  -18.4941241088 0.3804199281  0.1878171404  -0.9055414955 40.3609618239 
# 
loop_
_pdbx_struct_special_symmetry.id 
_pdbx_struct_special_symmetry.PDB_model_num 
_pdbx_struct_special_symmetry.auth_asym_id 
_pdbx_struct_special_symmetry.auth_comp_id 
_pdbx_struct_special_symmetry.auth_seq_id 
_pdbx_struct_special_symmetry.PDB_ins_code 
_pdbx_struct_special_symmetry.label_asym_id 
_pdbx_struct_special_symmetry.label_comp_id 
_pdbx_struct_special_symmetry.label_seq_id 
1 1 A NA  1067 ? E NA  . 
2 1 A CL  1068 ? F CL  . 
3 1 A CL  1069 ? G CL  . 
4 1 A HOH 2010 ? J HOH . 
5 1 A HOH 2023 ? J HOH . 
6 1 A HOH 2071 ? J HOH . 
# 
loop_
_pdbx_struct_conn_angle.id 
_pdbx_struct_conn_angle.ptnr1_label_atom_id 
_pdbx_struct_conn_angle.ptnr1_label_alt_id 
_pdbx_struct_conn_angle.ptnr1_label_asym_id 
_pdbx_struct_conn_angle.ptnr1_label_comp_id 
_pdbx_struct_conn_angle.ptnr1_label_seq_id 
_pdbx_struct_conn_angle.ptnr1_auth_atom_id 
_pdbx_struct_conn_angle.ptnr1_auth_asym_id 
_pdbx_struct_conn_angle.ptnr1_auth_comp_id 
_pdbx_struct_conn_angle.ptnr1_auth_seq_id 
_pdbx_struct_conn_angle.ptnr1_PDB_ins_code 
_pdbx_struct_conn_angle.ptnr1_symmetry 
_pdbx_struct_conn_angle.ptnr2_label_atom_id 
_pdbx_struct_conn_angle.ptnr2_label_alt_id 
_pdbx_struct_conn_angle.ptnr2_label_asym_id 
_pdbx_struct_conn_angle.ptnr2_label_comp_id 
_pdbx_struct_conn_angle.ptnr2_label_seq_id 
_pdbx_struct_conn_angle.ptnr2_auth_atom_id 
_pdbx_struct_conn_angle.ptnr2_auth_asym_id 
_pdbx_struct_conn_angle.ptnr2_auth_comp_id 
_pdbx_struct_conn_angle.ptnr2_auth_seq_id 
_pdbx_struct_conn_angle.ptnr2_PDB_ins_code 
_pdbx_struct_conn_angle.ptnr2_symmetry 
_pdbx_struct_conn_angle.ptnr3_label_atom_id 
_pdbx_struct_conn_angle.ptnr3_label_alt_id 
_pdbx_struct_conn_angle.ptnr3_label_asym_id 
_pdbx_struct_conn_angle.ptnr3_label_comp_id 
_pdbx_struct_conn_angle.ptnr3_label_seq_id 
_pdbx_struct_conn_angle.ptnr3_auth_atom_id 
_pdbx_struct_conn_angle.ptnr3_auth_asym_id 
_pdbx_struct_conn_angle.ptnr3_auth_comp_id 
_pdbx_struct_conn_angle.ptnr3_auth_seq_id 
_pdbx_struct_conn_angle.ptnr3_PDB_ins_code 
_pdbx_struct_conn_angle.ptnr3_symmetry 
_pdbx_struct_conn_angle.value 
_pdbx_struct_conn_angle.value_esd 
1  OE2   ? A GLU 14 ? A GLU 14   ? 1_555  NA ? C NA . ? A NA 1065 ? 1_555  O     ? J HOH . ? A HOH 2020 ? 1_555  89.8  ? 
2  OE2   ? A GLU 14 ? A GLU 14   ? 1_555  NA ? C NA . ? A NA 1065 ? 1_555  O     ? J HOH . ? A HOH 2025 ? 43_555 88.8  ? 
3  O     ? J HOH .  ? A HOH 2020 ? 1_555  NA ? C NA . ? A NA 1065 ? 1_555  O     ? J HOH . ? A HOH 2025 ? 43_555 82.0  ? 
4  OE2   ? A GLU 14 ? A GLU 14   ? 1_555  NA ? C NA . ? A NA 1065 ? 1_555  O     ? J HOH . ? A HOH 2027 ? 43_555 88.3  ? 
5  O     ? J HOH .  ? A HOH 2020 ? 1_555  NA ? C NA . ? A NA 1065 ? 1_555  O     ? J HOH . ? A HOH 2027 ? 43_555 178.1 ? 
6  O     ? J HOH .  ? A HOH 2025 ? 43_555 NA ? C NA . ? A NA 1065 ? 1_555  O     ? J HOH . ? A HOH 2027 ? 43_555 97.8  ? 
7  OE2   ? A GLU 14 ? A GLU 14   ? 1_555  NA ? C NA . ? A NA 1065 ? 1_555  O     ? J HOH . ? A HOH 2033 ? 43_555 174.5 ? 
8  O     ? J HOH .  ? A HOH 2020 ? 1_555  NA ? C NA . ? A NA 1065 ? 1_555  O     ? J HOH . ? A HOH 2033 ? 43_555 92.5  ? 
9  O     ? J HOH .  ? A HOH 2025 ? 43_555 NA ? C NA . ? A NA 1065 ? 1_555  O     ? J HOH . ? A HOH 2033 ? 43_555 96.5  ? 
10 O     ? J HOH .  ? A HOH 2027 ? 43_555 NA ? C NA . ? A NA 1065 ? 1_555  O     ? J HOH . ? A HOH 2033 ? 43_555 89.4  ? 
11 OE2   ? A GLU 14 ? A GLU 14   ? 1_555  NA ? C NA . ? A NA 1065 ? 1_555  O     ? J HOH . ? A HOH 2056 ? 1_555  88.4  ? 
12 O     ? J HOH .  ? A HOH 2020 ? 1_555  NA ? C NA . ? A NA 1065 ? 1_555  O     ? J HOH . ? A HOH 2056 ? 1_555  93.0  ? 
13 O     ? J HOH .  ? A HOH 2025 ? 43_555 NA ? C NA . ? A NA 1065 ? 1_555  O     ? J HOH . ? A HOH 2056 ? 1_555  174.3 ? 
14 O     ? J HOH .  ? A HOH 2027 ? 43_555 NA ? C NA . ? A NA 1065 ? 1_555  O     ? J HOH . ? A HOH 2056 ? 1_555  87.2  ? 
15 O     ? J HOH .  ? A HOH 2033 ? 43_555 NA ? C NA . ? A NA 1065 ? 1_555  O     ? J HOH . ? A HOH 2056 ? 1_555  86.5  ? 
16 OD2   ? A ASP 41 ? A ASP 41   ? 8_556  NA ? I NA . ? A NA 1071 ? 1_555  O     ? J HOH . ? A HOH 2046 ? 1_555  177.4 ? 
17 "O2'" ? B RBF .  ? A RBF 1064 ? 1_555  NA ? D NA . ? A NA 1066 ? 55_555 "O3'" ? B RBF . ? A RBF 1064 ? 1_555  58.6  ? 
18 "O2'" ? B RBF .  ? A RBF 1064 ? 1_555  NA ? D NA . ? A NA 1066 ? 55_555 "O2'" ? B RBF . ? A RBF 1064 ? 34_555 80.2  ? 
19 "O3'" ? B RBF .  ? A RBF 1064 ? 1_555  NA ? D NA . ? A NA 1066 ? 55_555 "O2'" ? B RBF . ? A RBF 1064 ? 34_555 137.8 ? 
20 "O2'" ? B RBF .  ? A RBF 1064 ? 1_555  NA ? D NA . ? A NA 1066 ? 55_555 "O3'" ? B RBF . ? A RBF 1064 ? 34_555 79.6  ? 
21 "O3'" ? B RBF .  ? A RBF 1064 ? 1_555  NA ? D NA . ? A NA 1066 ? 55_555 "O3'" ? B RBF . ? A RBF 1064 ? 34_555 137.9 ? 
22 "O2'" ? B RBF .  ? A RBF 1064 ? 34_555 NA ? D NA . ? A NA 1066 ? 55_555 "O3'" ? B RBF . ? A RBF 1064 ? 34_555 4.9   ? 
23 CL    ? F CL  .  ? A CL  1068 ? 11_465 NA ? E NA . ? A NA 1067 ? 1_555  CL    ? F CL  . ? A CL  1068 ? 8_556  0.2   ? 
24 CL    ? F CL  .  ? A CL  1068 ? 11_465 NA ? E NA . ? A NA 1067 ? 1_555  CL    ? F CL  . ? A CL  1068 ? 1_555  0.2   ? 
25 CL    ? F CL  .  ? A CL  1068 ? 8_556  NA ? E NA . ? A NA 1067 ? 1_555  CL    ? F CL  . ? A CL  1068 ? 1_555  0.2   ? 
26 CL    ? F CL  .  ? A CL  1068 ? 11_465 NA ? E NA . ? A NA 1067 ? 1_555  CL    ? G CL  . ? A CL  1069 ? 1_555  179.9 ? 
27 CL    ? F CL  .  ? A CL  1068 ? 8_556  NA ? E NA . ? A NA 1067 ? 1_555  CL    ? G CL  . ? A CL  1069 ? 1_555  179.8 ? 
28 CL    ? F CL  .  ? A CL  1068 ? 1_555  NA ? E NA . ? A NA 1067 ? 1_555  CL    ? G CL  . ? A CL  1069 ? 1_555  180.0 ? 
29 CL    ? F CL  .  ? A CL  1068 ? 11_465 NA ? E NA . ? A NA 1067 ? 1_555  CL    ? G CL  . ? A CL  1069 ? 8_556  179.9 ? 
30 CL    ? F CL  .  ? A CL  1068 ? 8_556  NA ? E NA . ? A NA 1067 ? 1_555  CL    ? G CL  . ? A CL  1069 ? 8_556  179.9 ? 
31 CL    ? F CL  .  ? A CL  1068 ? 1_555  NA ? E NA . ? A NA 1067 ? 1_555  CL    ? G CL  . ? A CL  1069 ? 8_556  180.0 ? 
32 CL    ? G CL  .  ? A CL  1069 ? 1_555  NA ? E NA . ? A NA 1067 ? 1_555  CL    ? G CL  . ? A CL  1069 ? 8_556  0.0   ? 
33 CL    ? F CL  .  ? A CL  1068 ? 11_465 NA ? E NA . ? A NA 1067 ? 1_555  CL    ? G CL  . ? A CL  1069 ? 11_465 179.9 ? 
34 CL    ? F CL  .  ? A CL  1068 ? 8_556  NA ? E NA . ? A NA 1067 ? 1_555  CL    ? G CL  . ? A CL  1069 ? 11_465 179.9 ? 
35 CL    ? F CL  .  ? A CL  1068 ? 1_555  NA ? E NA . ? A NA 1067 ? 1_555  CL    ? G CL  . ? A CL  1069 ? 11_465 179.9 ? 
36 CL    ? G CL  .  ? A CL  1069 ? 1_555  NA ? E NA . ? A NA 1067 ? 1_555  CL    ? G CL  . ? A CL  1069 ? 11_465 0.0   ? 
37 CL    ? G CL  .  ? A CL  1069 ? 8_556  NA ? E NA . ? A NA 1067 ? 1_555  CL    ? G CL  . ? A CL  1069 ? 11_465 0.0   ? 
38 CL    ? F CL  .  ? A CL  1068 ? 11_465 NA ? E NA . ? A NA 1067 ? 1_555  O     ? J HOH . ? A HOH 2065 ? 1_555  96.5  ? 
39 CL    ? F CL  .  ? A CL  1068 ? 8_556  NA ? E NA . ? A NA 1067 ? 1_555  O     ? J HOH . ? A HOH 2065 ? 1_555  96.6  ? 
40 CL    ? F CL  .  ? A CL  1068 ? 1_555  NA ? E NA . ? A NA 1067 ? 1_555  O     ? J HOH . ? A HOH 2065 ? 1_555  96.7  ? 
41 CL    ? G CL  .  ? A CL  1069 ? 1_555  NA ? E NA . ? A NA 1067 ? 1_555  O     ? J HOH . ? A HOH 2065 ? 1_555  83.4  ? 
42 CL    ? G CL  .  ? A CL  1069 ? 8_556  NA ? E NA . ? A NA 1067 ? 1_555  O     ? J HOH . ? A HOH 2065 ? 1_555  83.4  ? 
43 CL    ? G CL  .  ? A CL  1069 ? 11_465 NA ? E NA . ? A NA 1067 ? 1_555  O     ? J HOH . ? A HOH 2065 ? 1_555  83.4  ? 
44 CL    ? F CL  .  ? A CL  1068 ? 11_465 NA ? E NA . ? A NA 1067 ? 1_555  O     ? J HOH . ? A HOH 2065 ? 8_556  96.7  ? 
45 CL    ? F CL  .  ? A CL  1068 ? 8_556  NA ? E NA . ? A NA 1067 ? 1_555  O     ? J HOH . ? A HOH 2065 ? 8_556  96.7  ? 
46 CL    ? F CL  .  ? A CL  1068 ? 1_555  NA ? E NA . ? A NA 1067 ? 1_555  O     ? J HOH . ? A HOH 2065 ? 8_556  96.6  ? 
47 CL    ? G CL  .  ? A CL  1069 ? 1_555  NA ? E NA . ? A NA 1067 ? 1_555  O     ? J HOH . ? A HOH 2065 ? 8_556  83.4  ? 
48 CL    ? G CL  .  ? A CL  1069 ? 8_556  NA ? E NA . ? A NA 1067 ? 1_555  O     ? J HOH . ? A HOH 2065 ? 8_556  83.4  ? 
49 CL    ? G CL  .  ? A CL  1069 ? 11_465 NA ? E NA . ? A NA 1067 ? 1_555  O     ? J HOH . ? A HOH 2065 ? 8_556  83.4  ? 
50 O     ? J HOH .  ? A HOH 2065 ? 1_555  NA ? E NA . ? A NA 1067 ? 1_555  O     ? J HOH . ? A HOH 2065 ? 8_556  118.7 ? 
51 CL    ? F CL  .  ? A CL  1068 ? 11_465 NA ? E NA . ? A NA 1067 ? 1_555  O     ? J HOH . ? A HOH 2065 ? 11_465 96.7  ? 
52 CL    ? F CL  .  ? A CL  1068 ? 8_556  NA ? E NA . ? A NA 1067 ? 1_555  O     ? J HOH . ? A HOH 2065 ? 11_465 96.5  ? 
53 CL    ? F CL  .  ? A CL  1068 ? 1_555  NA ? E NA . ? A NA 1067 ? 1_555  O     ? J HOH . ? A HOH 2065 ? 11_465 96.6  ? 
54 CL    ? G CL  .  ? A CL  1069 ? 1_555  NA ? E NA . ? A NA 1067 ? 1_555  O     ? J HOH . ? A HOH 2065 ? 11_465 83.3  ? 
55 CL    ? G CL  .  ? A CL  1069 ? 8_556  NA ? E NA . ? A NA 1067 ? 1_555  O     ? J HOH . ? A HOH 2065 ? 11_465 83.4  ? 
56 CL    ? G CL  .  ? A CL  1069 ? 11_465 NA ? E NA . ? A NA 1067 ? 1_555  O     ? J HOH . ? A HOH 2065 ? 11_465 83.4  ? 
57 O     ? J HOH .  ? A HOH 2065 ? 1_555  NA ? E NA . ? A NA 1067 ? 1_555  O     ? J HOH . ? A HOH 2065 ? 11_465 118.6 ? 
58 O     ? J HOH .  ? A HOH 2065 ? 8_556  NA ? E NA . ? A NA 1067 ? 1_555  O     ? J HOH . ? A HOH 2065 ? 11_465 118.7 ? 
# 
loop_
_pdbx_audit_revision_history.ordinal 
_pdbx_audit_revision_history.data_content_type 
_pdbx_audit_revision_history.major_revision 
_pdbx_audit_revision_history.minor_revision 
_pdbx_audit_revision_history.revision_date 
1 'Structure model' 1 0 2009-02-17 
2 'Structure model' 1 1 2011-05-07 
3 'Structure model' 1 2 2011-07-13 
4 'Structure model' 1 3 2023-12-13 
# 
_pdbx_audit_revision_details.ordinal             1 
_pdbx_audit_revision_details.revision_ordinal    1 
_pdbx_audit_revision_details.data_content_type   'Structure model' 
_pdbx_audit_revision_details.provider            repository 
_pdbx_audit_revision_details.type                'Initial release' 
_pdbx_audit_revision_details.description         ? 
_pdbx_audit_revision_details.details             ? 
# 
loop_
_pdbx_audit_revision_group.ordinal 
_pdbx_audit_revision_group.revision_ordinal 
_pdbx_audit_revision_group.data_content_type 
_pdbx_audit_revision_group.group 
1 2 'Structure model' 'Version format compliance' 
2 3 'Structure model' 'Version format compliance' 
3 4 'Structure model' 'Data collection'           
4 4 'Structure model' 'Database references'       
5 4 'Structure model' 'Derived calculations'      
6 4 'Structure model' Other                       
7 4 'Structure model' 'Refinement description'    
# 
loop_
_pdbx_audit_revision_category.ordinal 
_pdbx_audit_revision_category.revision_ordinal 
_pdbx_audit_revision_category.data_content_type 
_pdbx_audit_revision_category.category 
1 4 'Structure model' chem_comp_atom                
2 4 'Structure model' chem_comp_bond                
3 4 'Structure model' database_2                    
4 4 'Structure model' pdbx_database_status          
5 4 'Structure model' pdbx_initial_refinement_model 
6 4 'Structure model' pdbx_struct_conn_angle        
7 4 'Structure model' struct_conn                   
8 4 'Structure model' struct_site                   
# 
loop_
_pdbx_audit_revision_item.ordinal 
_pdbx_audit_revision_item.revision_ordinal 
_pdbx_audit_revision_item.data_content_type 
_pdbx_audit_revision_item.item 
1  4 'Structure model' '_database_2.pdbx_DOI'                        
2  4 'Structure model' '_database_2.pdbx_database_accession'         
3  4 'Structure model' '_pdbx_database_status.status_code_sf'        
4  4 'Structure model' '_pdbx_struct_conn_angle.ptnr1_auth_comp_id'  
5  4 'Structure model' '_pdbx_struct_conn_angle.ptnr1_auth_seq_id'   
6  4 'Structure model' '_pdbx_struct_conn_angle.ptnr1_label_asym_id' 
7  4 'Structure model' '_pdbx_struct_conn_angle.ptnr1_label_atom_id' 
8  4 'Structure model' '_pdbx_struct_conn_angle.ptnr1_label_comp_id' 
9  4 'Structure model' '_pdbx_struct_conn_angle.ptnr1_label_seq_id'  
10 4 'Structure model' '_pdbx_struct_conn_angle.ptnr1_symmetry'      
11 4 'Structure model' '_pdbx_struct_conn_angle.ptnr2_auth_seq_id'   
12 4 'Structure model' '_pdbx_struct_conn_angle.ptnr2_label_asym_id' 
13 4 'Structure model' '_pdbx_struct_conn_angle.ptnr2_symmetry'      
14 4 'Structure model' '_pdbx_struct_conn_angle.ptnr3_auth_comp_id'  
15 4 'Structure model' '_pdbx_struct_conn_angle.ptnr3_auth_seq_id'   
16 4 'Structure model' '_pdbx_struct_conn_angle.ptnr3_label_asym_id' 
17 4 'Structure model' '_pdbx_struct_conn_angle.ptnr3_label_atom_id' 
18 4 'Structure model' '_pdbx_struct_conn_angle.ptnr3_label_comp_id' 
19 4 'Structure model' '_pdbx_struct_conn_angle.ptnr3_label_seq_id'  
20 4 'Structure model' '_pdbx_struct_conn_angle.ptnr3_symmetry'      
21 4 'Structure model' '_pdbx_struct_conn_angle.value'               
22 4 'Structure model' '_struct_conn.pdbx_dist_value'                
23 4 'Structure model' '_struct_conn.ptnr1_auth_comp_id'             
24 4 'Structure model' '_struct_conn.ptnr1_auth_seq_id'              
25 4 'Structure model' '_struct_conn.ptnr1_label_asym_id'            
26 4 'Structure model' '_struct_conn.ptnr1_label_atom_id'            
27 4 'Structure model' '_struct_conn.ptnr1_label_comp_id'            
28 4 'Structure model' '_struct_conn.ptnr1_label_seq_id'             
29 4 'Structure model' '_struct_conn.ptnr1_symmetry'                 
30 4 'Structure model' '_struct_conn.ptnr2_auth_comp_id'             
31 4 'Structure model' '_struct_conn.ptnr2_auth_seq_id'              
32 4 'Structure model' '_struct_conn.ptnr2_label_asym_id'            
33 4 'Structure model' '_struct_conn.ptnr2_label_atom_id'            
34 4 'Structure model' '_struct_conn.ptnr2_label_comp_id'            
35 4 'Structure model' '_struct_conn.ptnr2_label_seq_id'             
36 4 'Structure model' '_struct_conn.ptnr2_symmetry'                 
37 4 'Structure model' '_struct_site.pdbx_auth_asym_id'              
38 4 'Structure model' '_struct_site.pdbx_auth_comp_id'              
39 4 'Structure model' '_struct_site.pdbx_auth_seq_id'               
# 
loop_
_software.name 
_software.classification 
_software.version 
_software.citation_id 
_software.pdbx_ordinal 
REFMAC refinement       5.4.0077 ? 1 
XDS    'data reduction' .        ? 2 
XSCALE 'data scaling'   .        ? 3 
PHASER phasing          .        ? 4 
# 
_pdbx_entry_details.entry_id                 2VX9 
_pdbx_entry_details.compound_details         'ENGINEERED RESIDUE IN CHAIN A, GLU 45 TO ALA' 
_pdbx_entry_details.source_details           ? 
_pdbx_entry_details.nonpolymer_details       ? 
_pdbx_entry_details.sequence_details         ? 
_pdbx_entry_details.has_ligand_of_interest   ? 
# 
_pdbx_validate_close_contact.id               1 
_pdbx_validate_close_contact.PDB_model_num    1 
_pdbx_validate_close_contact.auth_atom_id_1   O 
_pdbx_validate_close_contact.auth_asym_id_1   A 
_pdbx_validate_close_contact.auth_comp_id_1   HOH 
_pdbx_validate_close_contact.auth_seq_id_1    2003 
_pdbx_validate_close_contact.PDB_ins_code_1   ? 
_pdbx_validate_close_contact.label_alt_id_1   ? 
_pdbx_validate_close_contact.auth_atom_id_2   O 
_pdbx_validate_close_contact.auth_asym_id_2   A 
_pdbx_validate_close_contact.auth_comp_id_2   HOH 
_pdbx_validate_close_contact.auth_seq_id_2    2006 
_pdbx_validate_close_contact.PDB_ins_code_2   ? 
_pdbx_validate_close_contact.label_alt_id_2   ? 
_pdbx_validate_close_contact.dist             2.16 
# 
_pdbx_validate_torsion.id              1 
_pdbx_validate_torsion.PDB_model_num   1 
_pdbx_validate_torsion.auth_comp_id    ILE 
_pdbx_validate_torsion.auth_asym_id    A 
_pdbx_validate_torsion.auth_seq_id     46 
_pdbx_validate_torsion.PDB_ins_code    ? 
_pdbx_validate_torsion.label_alt_id    ? 
_pdbx_validate_torsion.phi             -132.00 
_pdbx_validate_torsion.psi             -54.12 
# 
_pdbx_distant_solvent_atoms.id                                1 
_pdbx_distant_solvent_atoms.PDB_model_num                     1 
_pdbx_distant_solvent_atoms.auth_atom_id                      O 
_pdbx_distant_solvent_atoms.label_alt_id                      ? 
_pdbx_distant_solvent_atoms.auth_asym_id                      A 
_pdbx_distant_solvent_atoms.auth_comp_id                      HOH 
_pdbx_distant_solvent_atoms.auth_seq_id                       2010 
_pdbx_distant_solvent_atoms.PDB_ins_code                      ? 
_pdbx_distant_solvent_atoms.neighbor_macromolecule_distance   6.78 
_pdbx_distant_solvent_atoms.neighbor_ligand_distance          . 
# 
loop_
_pdbx_unobs_or_zero_occ_residues.id 
_pdbx_unobs_or_zero_occ_residues.PDB_model_num 
_pdbx_unobs_or_zero_occ_residues.polymer_flag 
_pdbx_unobs_or_zero_occ_residues.occupancy_flag 
_pdbx_unobs_or_zero_occ_residues.auth_asym_id 
_pdbx_unobs_or_zero_occ_residues.auth_comp_id 
_pdbx_unobs_or_zero_occ_residues.auth_seq_id 
_pdbx_unobs_or_zero_occ_residues.PDB_ins_code 
_pdbx_unobs_or_zero_occ_residues.label_asym_id 
_pdbx_unobs_or_zero_occ_residues.label_comp_id 
_pdbx_unobs_or_zero_occ_residues.label_seq_id 
1 1 Y 1 A MET 1  ? A MET 1  
2 1 Y 1 A ASP 65 ? A ASP 65 
# 
loop_
_chem_comp_atom.comp_id 
_chem_comp_atom.atom_id 
_chem_comp_atom.type_symbol 
_chem_comp_atom.pdbx_aromatic_flag 
_chem_comp_atom.pdbx_stereo_config 
_chem_comp_atom.pdbx_ordinal 
ALA N      N  N N 1   
ALA CA     C  N S 2   
ALA C      C  N N 3   
ALA O      O  N N 4   
ALA CB     C  N N 5   
ALA OXT    O  N N 6   
ALA H      H  N N 7   
ALA H2     H  N N 8   
ALA HA     H  N N 9   
ALA HB1    H  N N 10  
ALA HB2    H  N N 11  
ALA HB3    H  N N 12  
ALA HXT    H  N N 13  
ARG N      N  N N 14  
ARG CA     C  N S 15  
ARG C      C  N N 16  
ARG O      O  N N 17  
ARG CB     C  N N 18  
ARG CG     C  N N 19  
ARG CD     C  N N 20  
ARG NE     N  N N 21  
ARG CZ     C  N N 22  
ARG NH1    N  N N 23  
ARG NH2    N  N N 24  
ARG OXT    O  N N 25  
ARG H      H  N N 26  
ARG H2     H  N N 27  
ARG HA     H  N N 28  
ARG HB2    H  N N 29  
ARG HB3    H  N N 30  
ARG HG2    H  N N 31  
ARG HG3    H  N N 32  
ARG HD2    H  N N 33  
ARG HD3    H  N N 34  
ARG HE     H  N N 35  
ARG HH11   H  N N 36  
ARG HH12   H  N N 37  
ARG HH21   H  N N 38  
ARG HH22   H  N N 39  
ARG HXT    H  N N 40  
ASN N      N  N N 41  
ASN CA     C  N S 42  
ASN C      C  N N 43  
ASN O      O  N N 44  
ASN CB     C  N N 45  
ASN CG     C  N N 46  
ASN OD1    O  N N 47  
ASN ND2    N  N N 48  
ASN OXT    O  N N 49  
ASN H      H  N N 50  
ASN H2     H  N N 51  
ASN HA     H  N N 52  
ASN HB2    H  N N 53  
ASN HB3    H  N N 54  
ASN HD21   H  N N 55  
ASN HD22   H  N N 56  
ASN HXT    H  N N 57  
ASP N      N  N N 58  
ASP CA     C  N S 59  
ASP C      C  N N 60  
ASP O      O  N N 61  
ASP CB     C  N N 62  
ASP CG     C  N N 63  
ASP OD1    O  N N 64  
ASP OD2    O  N N 65  
ASP OXT    O  N N 66  
ASP H      H  N N 67  
ASP H2     H  N N 68  
ASP HA     H  N N 69  
ASP HB2    H  N N 70  
ASP HB3    H  N N 71  
ASP HD2    H  N N 72  
ASP HXT    H  N N 73  
CL  CL     CL N N 74  
GLN N      N  N N 75  
GLN CA     C  N S 76  
GLN C      C  N N 77  
GLN O      O  N N 78  
GLN CB     C  N N 79  
GLN CG     C  N N 80  
GLN CD     C  N N 81  
GLN OE1    O  N N 82  
GLN NE2    N  N N 83  
GLN OXT    O  N N 84  
GLN H      H  N N 85  
GLN H2     H  N N 86  
GLN HA     H  N N 87  
GLN HB2    H  N N 88  
GLN HB3    H  N N 89  
GLN HG2    H  N N 90  
GLN HG3    H  N N 91  
GLN HE21   H  N N 92  
GLN HE22   H  N N 93  
GLN HXT    H  N N 94  
GLU N      N  N N 95  
GLU CA     C  N S 96  
GLU C      C  N N 97  
GLU O      O  N N 98  
GLU CB     C  N N 99  
GLU CG     C  N N 100 
GLU CD     C  N N 101 
GLU OE1    O  N N 102 
GLU OE2    O  N N 103 
GLU OXT    O  N N 104 
GLU H      H  N N 105 
GLU H2     H  N N 106 
GLU HA     H  N N 107 
GLU HB2    H  N N 108 
GLU HB3    H  N N 109 
GLU HG2    H  N N 110 
GLU HG3    H  N N 111 
GLU HE2    H  N N 112 
GLU HXT    H  N N 113 
GLY N      N  N N 114 
GLY CA     C  N N 115 
GLY C      C  N N 116 
GLY O      O  N N 117 
GLY OXT    O  N N 118 
GLY H      H  N N 119 
GLY H2     H  N N 120 
GLY HA2    H  N N 121 
GLY HA3    H  N N 122 
GLY HXT    H  N N 123 
HOH O      O  N N 124 
HOH H1     H  N N 125 
HOH H2     H  N N 126 
ILE N      N  N N 127 
ILE CA     C  N S 128 
ILE C      C  N N 129 
ILE O      O  N N 130 
ILE CB     C  N S 131 
ILE CG1    C  N N 132 
ILE CG2    C  N N 133 
ILE CD1    C  N N 134 
ILE OXT    O  N N 135 
ILE H      H  N N 136 
ILE H2     H  N N 137 
ILE HA     H  N N 138 
ILE HB     H  N N 139 
ILE HG12   H  N N 140 
ILE HG13   H  N N 141 
ILE HG21   H  N N 142 
ILE HG22   H  N N 143 
ILE HG23   H  N N 144 
ILE HD11   H  N N 145 
ILE HD12   H  N N 146 
ILE HD13   H  N N 147 
ILE HXT    H  N N 148 
LEU N      N  N N 149 
LEU CA     C  N S 150 
LEU C      C  N N 151 
LEU O      O  N N 152 
LEU CB     C  N N 153 
LEU CG     C  N N 154 
LEU CD1    C  N N 155 
LEU CD2    C  N N 156 
LEU OXT    O  N N 157 
LEU H      H  N N 158 
LEU H2     H  N N 159 
LEU HA     H  N N 160 
LEU HB2    H  N N 161 
LEU HB3    H  N N 162 
LEU HG     H  N N 163 
LEU HD11   H  N N 164 
LEU HD12   H  N N 165 
LEU HD13   H  N N 166 
LEU HD21   H  N N 167 
LEU HD22   H  N N 168 
LEU HD23   H  N N 169 
LEU HXT    H  N N 170 
LYS N      N  N N 171 
LYS CA     C  N S 172 
LYS C      C  N N 173 
LYS O      O  N N 174 
LYS CB     C  N N 175 
LYS CG     C  N N 176 
LYS CD     C  N N 177 
LYS CE     C  N N 178 
LYS NZ     N  N N 179 
LYS OXT    O  N N 180 
LYS H      H  N N 181 
LYS H2     H  N N 182 
LYS HA     H  N N 183 
LYS HB2    H  N N 184 
LYS HB3    H  N N 185 
LYS HG2    H  N N 186 
LYS HG3    H  N N 187 
LYS HD2    H  N N 188 
LYS HD3    H  N N 189 
LYS HE2    H  N N 190 
LYS HE3    H  N N 191 
LYS HZ1    H  N N 192 
LYS HZ2    H  N N 193 
LYS HZ3    H  N N 194 
LYS HXT    H  N N 195 
MET N      N  N N 196 
MET CA     C  N S 197 
MET C      C  N N 198 
MET O      O  N N 199 
MET CB     C  N N 200 
MET CG     C  N N 201 
MET SD     S  N N 202 
MET CE     C  N N 203 
MET OXT    O  N N 204 
MET H      H  N N 205 
MET H2     H  N N 206 
MET HA     H  N N 207 
MET HB2    H  N N 208 
MET HB3    H  N N 209 
MET HG2    H  N N 210 
MET HG3    H  N N 211 
MET HE1    H  N N 212 
MET HE2    H  N N 213 
MET HE3    H  N N 214 
MET HXT    H  N N 215 
NA  NA     NA N N 216 
PHE N      N  N N 217 
PHE CA     C  N S 218 
PHE C      C  N N 219 
PHE O      O  N N 220 
PHE CB     C  N N 221 
PHE CG     C  Y N 222 
PHE CD1    C  Y N 223 
PHE CD2    C  Y N 224 
PHE CE1    C  Y N 225 
PHE CE2    C  Y N 226 
PHE CZ     C  Y N 227 
PHE OXT    O  N N 228 
PHE H      H  N N 229 
PHE H2     H  N N 230 
PHE HA     H  N N 231 
PHE HB2    H  N N 232 
PHE HB3    H  N N 233 
PHE HD1    H  N N 234 
PHE HD2    H  N N 235 
PHE HE1    H  N N 236 
PHE HE2    H  N N 237 
PHE HZ     H  N N 238 
PHE HXT    H  N N 239 
RBF N1     N  N N 240 
RBF C2     C  N N 241 
RBF O2     O  N N 242 
RBF N3     N  N N 243 
RBF C4     C  N N 244 
RBF O4     O  N N 245 
RBF C4A    C  N N 246 
RBF N5     N  N N 247 
RBF C5A    C  Y N 248 
RBF C6     C  Y N 249 
RBF C7     C  Y N 250 
RBF C7M    C  N N 251 
RBF C8     C  Y N 252 
RBF C8M    C  N N 253 
RBF C9     C  Y N 254 
RBF C9A    C  Y N 255 
RBF N10    N  N N 256 
RBF C10    C  N N 257 
RBF "C1'"  C  N N 258 
RBF "C2'"  C  N S 259 
RBF "O2'"  O  N N 260 
RBF "C3'"  C  N S 261 
RBF "O3'"  O  N N 262 
RBF "C4'"  C  N R 263 
RBF "O4'"  O  N N 264 
RBF "C5'"  C  N N 265 
RBF "O5'"  O  N N 266 
RBF HN3    H  N N 267 
RBF HC6    H  N N 268 
RBF HC71   H  N N 269 
RBF HC72   H  N N 270 
RBF HC73   H  N N 271 
RBF HC81   H  N N 272 
RBF HC82   H  N N 273 
RBF HC83   H  N N 274 
RBF HC9    H  N N 275 
RBF HC11   H  N N 276 
RBF HC12   H  N N 277 
RBF "HC2'" H  N N 278 
RBF "HO2'" H  N N 279 
RBF "HC3'" H  N N 280 
RBF "HO3'" H  N N 281 
RBF "HC4'" H  N N 282 
RBF "HO4'" H  N N 283 
RBF HC51   H  N N 284 
RBF HC52   H  N N 285 
RBF "HO5'" H  N N 286 
SER N      N  N N 287 
SER CA     C  N S 288 
SER C      C  N N 289 
SER O      O  N N 290 
SER CB     C  N N 291 
SER OG     O  N N 292 
SER OXT    O  N N 293 
SER H      H  N N 294 
SER H2     H  N N 295 
SER HA     H  N N 296 
SER HB2    H  N N 297 
SER HB3    H  N N 298 
SER HG     H  N N 299 
SER HXT    H  N N 300 
THR N      N  N N 301 
THR CA     C  N S 302 
THR C      C  N N 303 
THR O      O  N N 304 
THR CB     C  N R 305 
THR OG1    O  N N 306 
THR CG2    C  N N 307 
THR OXT    O  N N 308 
THR H      H  N N 309 
THR H2     H  N N 310 
THR HA     H  N N 311 
THR HB     H  N N 312 
THR HG1    H  N N 313 
THR HG21   H  N N 314 
THR HG22   H  N N 315 
THR HG23   H  N N 316 
THR HXT    H  N N 317 
TRP N      N  N N 318 
TRP CA     C  N S 319 
TRP C      C  N N 320 
TRP O      O  N N 321 
TRP CB     C  N N 322 
TRP CG     C  Y N 323 
TRP CD1    C  Y N 324 
TRP CD2    C  Y N 325 
TRP NE1    N  Y N 326 
TRP CE2    C  Y N 327 
TRP CE3    C  Y N 328 
TRP CZ2    C  Y N 329 
TRP CZ3    C  Y N 330 
TRP CH2    C  Y N 331 
TRP OXT    O  N N 332 
TRP H      H  N N 333 
TRP H2     H  N N 334 
TRP HA     H  N N 335 
TRP HB2    H  N N 336 
TRP HB3    H  N N 337 
TRP HD1    H  N N 338 
TRP HE1    H  N N 339 
TRP HE3    H  N N 340 
TRP HZ2    H  N N 341 
TRP HZ3    H  N N 342 
TRP HH2    H  N N 343 
TRP HXT    H  N N 344 
TYR N      N  N N 345 
TYR CA     C  N S 346 
TYR C      C  N N 347 
TYR O      O  N N 348 
TYR CB     C  N N 349 
TYR CG     C  Y N 350 
TYR CD1    C  Y N 351 
TYR CD2    C  Y N 352 
TYR CE1    C  Y N 353 
TYR CE2    C  Y N 354 
TYR CZ     C  Y N 355 
TYR OH     O  N N 356 
TYR OXT    O  N N 357 
TYR H      H  N N 358 
TYR H2     H  N N 359 
TYR HA     H  N N 360 
TYR HB2    H  N N 361 
TYR HB3    H  N N 362 
TYR HD1    H  N N 363 
TYR HD2    H  N N 364 
TYR HE1    H  N N 365 
TYR HE2    H  N N 366 
TYR HH     H  N N 367 
TYR HXT    H  N N 368 
VAL N      N  N N 369 
VAL CA     C  N S 370 
VAL C      C  N N 371 
VAL O      O  N N 372 
VAL CB     C  N N 373 
VAL CG1    C  N N 374 
VAL CG2    C  N N 375 
VAL OXT    O  N N 376 
VAL H      H  N N 377 
VAL H2     H  N N 378 
VAL HA     H  N N 379 
VAL HB     H  N N 380 
VAL HG11   H  N N 381 
VAL HG12   H  N N 382 
VAL HG13   H  N N 383 
VAL HG21   H  N N 384 
VAL HG22   H  N N 385 
VAL HG23   H  N N 386 
VAL HXT    H  N N 387 
# 
loop_
_chem_comp_bond.comp_id 
_chem_comp_bond.atom_id_1 
_chem_comp_bond.atom_id_2 
_chem_comp_bond.value_order 
_chem_comp_bond.pdbx_aromatic_flag 
_chem_comp_bond.pdbx_stereo_config 
_chem_comp_bond.pdbx_ordinal 
ALA N     CA     sing N N 1   
ALA N     H      sing N N 2   
ALA N     H2     sing N N 3   
ALA CA    C      sing N N 4   
ALA CA    CB     sing N N 5   
ALA CA    HA     sing N N 6   
ALA C     O      doub N N 7   
ALA C     OXT    sing N N 8   
ALA CB    HB1    sing N N 9   
ALA CB    HB2    sing N N 10  
ALA CB    HB3    sing N N 11  
ALA OXT   HXT    sing N N 12  
ARG N     CA     sing N N 13  
ARG N     H      sing N N 14  
ARG N     H2     sing N N 15  
ARG CA    C      sing N N 16  
ARG CA    CB     sing N N 17  
ARG CA    HA     sing N N 18  
ARG C     O      doub N N 19  
ARG C     OXT    sing N N 20  
ARG CB    CG     sing N N 21  
ARG CB    HB2    sing N N 22  
ARG CB    HB3    sing N N 23  
ARG CG    CD     sing N N 24  
ARG CG    HG2    sing N N 25  
ARG CG    HG3    sing N N 26  
ARG CD    NE     sing N N 27  
ARG CD    HD2    sing N N 28  
ARG CD    HD3    sing N N 29  
ARG NE    CZ     sing N N 30  
ARG NE    HE     sing N N 31  
ARG CZ    NH1    sing N N 32  
ARG CZ    NH2    doub N N 33  
ARG NH1   HH11   sing N N 34  
ARG NH1   HH12   sing N N 35  
ARG NH2   HH21   sing N N 36  
ARG NH2   HH22   sing N N 37  
ARG OXT   HXT    sing N N 38  
ASN N     CA     sing N N 39  
ASN N     H      sing N N 40  
ASN N     H2     sing N N 41  
ASN CA    C      sing N N 42  
ASN CA    CB     sing N N 43  
ASN CA    HA     sing N N 44  
ASN C     O      doub N N 45  
ASN C     OXT    sing N N 46  
ASN CB    CG     sing N N 47  
ASN CB    HB2    sing N N 48  
ASN CB    HB3    sing N N 49  
ASN CG    OD1    doub N N 50  
ASN CG    ND2    sing N N 51  
ASN ND2   HD21   sing N N 52  
ASN ND2   HD22   sing N N 53  
ASN OXT   HXT    sing N N 54  
ASP N     CA     sing N N 55  
ASP N     H      sing N N 56  
ASP N     H2     sing N N 57  
ASP CA    C      sing N N 58  
ASP CA    CB     sing N N 59  
ASP CA    HA     sing N N 60  
ASP C     O      doub N N 61  
ASP C     OXT    sing N N 62  
ASP CB    CG     sing N N 63  
ASP CB    HB2    sing N N 64  
ASP CB    HB3    sing N N 65  
ASP CG    OD1    doub N N 66  
ASP CG    OD2    sing N N 67  
ASP OD2   HD2    sing N N 68  
ASP OXT   HXT    sing N N 69  
GLN N     CA     sing N N 70  
GLN N     H      sing N N 71  
GLN N     H2     sing N N 72  
GLN CA    C      sing N N 73  
GLN CA    CB     sing N N 74  
GLN CA    HA     sing N N 75  
GLN C     O      doub N N 76  
GLN C     OXT    sing N N 77  
GLN CB    CG     sing N N 78  
GLN CB    HB2    sing N N 79  
GLN CB    HB3    sing N N 80  
GLN CG    CD     sing N N 81  
GLN CG    HG2    sing N N 82  
GLN CG    HG3    sing N N 83  
GLN CD    OE1    doub N N 84  
GLN CD    NE2    sing N N 85  
GLN NE2   HE21   sing N N 86  
GLN NE2   HE22   sing N N 87  
GLN OXT   HXT    sing N N 88  
GLU N     CA     sing N N 89  
GLU N     H      sing N N 90  
GLU N     H2     sing N N 91  
GLU CA    C      sing N N 92  
GLU CA    CB     sing N N 93  
GLU CA    HA     sing N N 94  
GLU C     O      doub N N 95  
GLU C     OXT    sing N N 96  
GLU CB    CG     sing N N 97  
GLU CB    HB2    sing N N 98  
GLU CB    HB3    sing N N 99  
GLU CG    CD     sing N N 100 
GLU CG    HG2    sing N N 101 
GLU CG    HG3    sing N N 102 
GLU CD    OE1    doub N N 103 
GLU CD    OE2    sing N N 104 
GLU OE2   HE2    sing N N 105 
GLU OXT   HXT    sing N N 106 
GLY N     CA     sing N N 107 
GLY N     H      sing N N 108 
GLY N     H2     sing N N 109 
GLY CA    C      sing N N 110 
GLY CA    HA2    sing N N 111 
GLY CA    HA3    sing N N 112 
GLY C     O      doub N N 113 
GLY C     OXT    sing N N 114 
GLY OXT   HXT    sing N N 115 
HOH O     H1     sing N N 116 
HOH O     H2     sing N N 117 
ILE N     CA     sing N N 118 
ILE N     H      sing N N 119 
ILE N     H2     sing N N 120 
ILE CA    C      sing N N 121 
ILE CA    CB     sing N N 122 
ILE CA    HA     sing N N 123 
ILE C     O      doub N N 124 
ILE C     OXT    sing N N 125 
ILE CB    CG1    sing N N 126 
ILE CB    CG2    sing N N 127 
ILE CB    HB     sing N N 128 
ILE CG1   CD1    sing N N 129 
ILE CG1   HG12   sing N N 130 
ILE CG1   HG13   sing N N 131 
ILE CG2   HG21   sing N N 132 
ILE CG2   HG22   sing N N 133 
ILE CG2   HG23   sing N N 134 
ILE CD1   HD11   sing N N 135 
ILE CD1   HD12   sing N N 136 
ILE CD1   HD13   sing N N 137 
ILE OXT   HXT    sing N N 138 
LEU N     CA     sing N N 139 
LEU N     H      sing N N 140 
LEU N     H2     sing N N 141 
LEU CA    C      sing N N 142 
LEU CA    CB     sing N N 143 
LEU CA    HA     sing N N 144 
LEU C     O      doub N N 145 
LEU C     OXT    sing N N 146 
LEU CB    CG     sing N N 147 
LEU CB    HB2    sing N N 148 
LEU CB    HB3    sing N N 149 
LEU CG    CD1    sing N N 150 
LEU CG    CD2    sing N N 151 
LEU CG    HG     sing N N 152 
LEU CD1   HD11   sing N N 153 
LEU CD1   HD12   sing N N 154 
LEU CD1   HD13   sing N N 155 
LEU CD2   HD21   sing N N 156 
LEU CD2   HD22   sing N N 157 
LEU CD2   HD23   sing N N 158 
LEU OXT   HXT    sing N N 159 
LYS N     CA     sing N N 160 
LYS N     H      sing N N 161 
LYS N     H2     sing N N 162 
LYS CA    C      sing N N 163 
LYS CA    CB     sing N N 164 
LYS CA    HA     sing N N 165 
LYS C     O      doub N N 166 
LYS C     OXT    sing N N 167 
LYS CB    CG     sing N N 168 
LYS CB    HB2    sing N N 169 
LYS CB    HB3    sing N N 170 
LYS CG    CD     sing N N 171 
LYS CG    HG2    sing N N 172 
LYS CG    HG3    sing N N 173 
LYS CD    CE     sing N N 174 
LYS CD    HD2    sing N N 175 
LYS CD    HD3    sing N N 176 
LYS CE    NZ     sing N N 177 
LYS CE    HE2    sing N N 178 
LYS CE    HE3    sing N N 179 
LYS NZ    HZ1    sing N N 180 
LYS NZ    HZ2    sing N N 181 
LYS NZ    HZ3    sing N N 182 
LYS OXT   HXT    sing N N 183 
MET N     CA     sing N N 184 
MET N     H      sing N N 185 
MET N     H2     sing N N 186 
MET CA    C      sing N N 187 
MET CA    CB     sing N N 188 
MET CA    HA     sing N N 189 
MET C     O      doub N N 190 
MET C     OXT    sing N N 191 
MET CB    CG     sing N N 192 
MET CB    HB2    sing N N 193 
MET CB    HB3    sing N N 194 
MET CG    SD     sing N N 195 
MET CG    HG2    sing N N 196 
MET CG    HG3    sing N N 197 
MET SD    CE     sing N N 198 
MET CE    HE1    sing N N 199 
MET CE    HE2    sing N N 200 
MET CE    HE3    sing N N 201 
MET OXT   HXT    sing N N 202 
PHE N     CA     sing N N 203 
PHE N     H      sing N N 204 
PHE N     H2     sing N N 205 
PHE CA    C      sing N N 206 
PHE CA    CB     sing N N 207 
PHE CA    HA     sing N N 208 
PHE C     O      doub N N 209 
PHE C     OXT    sing N N 210 
PHE CB    CG     sing N N 211 
PHE CB    HB2    sing N N 212 
PHE CB    HB3    sing N N 213 
PHE CG    CD1    doub Y N 214 
PHE CG    CD2    sing Y N 215 
PHE CD1   CE1    sing Y N 216 
PHE CD1   HD1    sing N N 217 
PHE CD2   CE2    doub Y N 218 
PHE CD2   HD2    sing N N 219 
PHE CE1   CZ     doub Y N 220 
PHE CE1   HE1    sing N N 221 
PHE CE2   CZ     sing Y N 222 
PHE CE2   HE2    sing N N 223 
PHE CZ    HZ     sing N N 224 
PHE OXT   HXT    sing N N 225 
RBF N1    C2     sing N N 226 
RBF N1    C10    doub N N 227 
RBF C2    O2     doub N N 228 
RBF C2    N3     sing N N 229 
RBF N3    C4     sing N N 230 
RBF N3    HN3    sing N N 231 
RBF C4    O4     doub N N 232 
RBF C4    C4A    sing N N 233 
RBF C4A   N5     doub N N 234 
RBF C4A   C10    sing N N 235 
RBF N5    C5A    sing N N 236 
RBF C5A   C6     doub Y N 237 
RBF C5A   C9A    sing Y N 238 
RBF C6    C7     sing Y N 239 
RBF C6    HC6    sing N N 240 
RBF C7    C7M    sing N N 241 
RBF C7    C8     doub Y N 242 
RBF C7M   HC71   sing N N 243 
RBF C7M   HC72   sing N N 244 
RBF C7M   HC73   sing N N 245 
RBF C8    C8M    sing N N 246 
RBF C8    C9     sing Y N 247 
RBF C8M   HC81   sing N N 248 
RBF C8M   HC82   sing N N 249 
RBF C8M   HC83   sing N N 250 
RBF C9    C9A    doub Y N 251 
RBF C9    HC9    sing N N 252 
RBF C9A   N10    sing N N 253 
RBF N10   C10    sing N N 254 
RBF N10   "C1'"  sing N N 255 
RBF "C1'" "C2'"  sing N N 256 
RBF "C1'" HC11   sing N N 257 
RBF "C1'" HC12   sing N N 258 
RBF "C2'" "O2'"  sing N N 259 
RBF "C2'" "C3'"  sing N N 260 
RBF "C2'" "HC2'" sing N N 261 
RBF "O2'" "HO2'" sing N N 262 
RBF "C3'" "O3'"  sing N N 263 
RBF "C3'" "C4'"  sing N N 264 
RBF "C3'" "HC3'" sing N N 265 
RBF "O3'" "HO3'" sing N N 266 
RBF "C4'" "O4'"  sing N N 267 
RBF "C4'" "C5'"  sing N N 268 
RBF "C4'" "HC4'" sing N N 269 
RBF "O4'" "HO4'" sing N N 270 
RBF "C5'" "O5'"  sing N N 271 
RBF "C5'" HC51   sing N N 272 
RBF "C5'" HC52   sing N N 273 
RBF "O5'" "HO5'" sing N N 274 
SER N     CA     sing N N 275 
SER N     H      sing N N 276 
SER N     H2     sing N N 277 
SER CA    C      sing N N 278 
SER CA    CB     sing N N 279 
SER CA    HA     sing N N 280 
SER C     O      doub N N 281 
SER C     OXT    sing N N 282 
SER CB    OG     sing N N 283 
SER CB    HB2    sing N N 284 
SER CB    HB3    sing N N 285 
SER OG    HG     sing N N 286 
SER OXT   HXT    sing N N 287 
THR N     CA     sing N N 288 
THR N     H      sing N N 289 
THR N     H2     sing N N 290 
THR CA    C      sing N N 291 
THR CA    CB     sing N N 292 
THR CA    HA     sing N N 293 
THR C     O      doub N N 294 
THR C     OXT    sing N N 295 
THR CB    OG1    sing N N 296 
THR CB    CG2    sing N N 297 
THR CB    HB     sing N N 298 
THR OG1   HG1    sing N N 299 
THR CG2   HG21   sing N N 300 
THR CG2   HG22   sing N N 301 
THR CG2   HG23   sing N N 302 
THR OXT   HXT    sing N N 303 
TRP N     CA     sing N N 304 
TRP N     H      sing N N 305 
TRP N     H2     sing N N 306 
TRP CA    C      sing N N 307 
TRP CA    CB     sing N N 308 
TRP CA    HA     sing N N 309 
TRP C     O      doub N N 310 
TRP C     OXT    sing N N 311 
TRP CB    CG     sing N N 312 
TRP CB    HB2    sing N N 313 
TRP CB    HB3    sing N N 314 
TRP CG    CD1    doub Y N 315 
TRP CG    CD2    sing Y N 316 
TRP CD1   NE1    sing Y N 317 
TRP CD1   HD1    sing N N 318 
TRP CD2   CE2    doub Y N 319 
TRP CD2   CE3    sing Y N 320 
TRP NE1   CE2    sing Y N 321 
TRP NE1   HE1    sing N N 322 
TRP CE2   CZ2    sing Y N 323 
TRP CE3   CZ3    doub Y N 324 
TRP CE3   HE3    sing N N 325 
TRP CZ2   CH2    doub Y N 326 
TRP CZ2   HZ2    sing N N 327 
TRP CZ3   CH2    sing Y N 328 
TRP CZ3   HZ3    sing N N 329 
TRP CH2   HH2    sing N N 330 
TRP OXT   HXT    sing N N 331 
TYR N     CA     sing N N 332 
TYR N     H      sing N N 333 
TYR N     H2     sing N N 334 
TYR CA    C      sing N N 335 
TYR CA    CB     sing N N 336 
TYR CA    HA     sing N N 337 
TYR C     O      doub N N 338 
TYR C     OXT    sing N N 339 
TYR CB    CG     sing N N 340 
TYR CB    HB2    sing N N 341 
TYR CB    HB3    sing N N 342 
TYR CG    CD1    doub Y N 343 
TYR CG    CD2    sing Y N 344 
TYR CD1   CE1    sing Y N 345 
TYR CD1   HD1    sing N N 346 
TYR CD2   CE2    doub Y N 347 
TYR CD2   HD2    sing N N 348 
TYR CE1   CZ     doub Y N 349 
TYR CE1   HE1    sing N N 350 
TYR CE2   CZ     sing Y N 351 
TYR CE2   HE2    sing N N 352 
TYR CZ    OH     sing N N 353 
TYR OH    HH     sing N N 354 
TYR OXT   HXT    sing N N 355 
VAL N     CA     sing N N 356 
VAL N     H      sing N N 357 
VAL N     H2     sing N N 358 
VAL CA    C      sing N N 359 
VAL CA    CB     sing N N 360 
VAL CA    HA     sing N N 361 
VAL C     O      doub N N 362 
VAL C     OXT    sing N N 363 
VAL CB    CG1    sing N N 364 
VAL CB    CG2    sing N N 365 
VAL CB    HB     sing N N 366 
VAL CG1   HG11   sing N N 367 
VAL CG1   HG12   sing N N 368 
VAL CG1   HG13   sing N N 369 
VAL CG2   HG21   sing N N 370 
VAL CG2   HG22   sing N N 371 
VAL CG2   HG23   sing N N 372 
VAL OXT   HXT    sing N N 373 
# 
loop_
_pdbx_entity_nonpoly.entity_id 
_pdbx_entity_nonpoly.name 
_pdbx_entity_nonpoly.comp_id 
2 RIBOFLAVIN     RBF 
3 'SODIUM ION'   NA  
4 'CHLORIDE ION' CL  
5 water          HOH 
# 
_pdbx_initial_refinement_model.id               1 
_pdbx_initial_refinement_model.entity_id_list   ? 
_pdbx_initial_refinement_model.type             'experimental model' 
_pdbx_initial_refinement_model.source_name      PDB 
_pdbx_initial_refinement_model.accession_code   2CCB 
_pdbx_initial_refinement_model.details          'PDB ENTRY 2CCB' 
# 
